data_4IST
#
_entry.id   4IST
#
_cell.length_a   89.900
_cell.length_b   107.403
_cell.length_c   152.362
_cell.angle_alpha   90.00
_cell.angle_beta   90.00
_cell.angle_gamma   90.00
#
_symmetry.space_group_name_H-M   'P 21 21 21'
#
loop_
_entity.id
_entity.type
_entity.pdbx_description
1 polymer 'Allophanate Hydrolase'
2 non-polymer 'D(-)-TARTARIC ACID'
3 water water
#
_entity_poly.entity_id   1
_entity_poly.type   'polypeptide(L)'
_entity_poly.pdbx_seq_one_letter_code
;MGSSHHHHHHSSGLVPRGSHMASMESTLGWSVQDWLSFHSKSTPTKSLELLENLLKSQKPAPEDPAWISLIPVEDLHHQW
NILQSKSNKEELPLYGVPIAVKDNIDYKGLPTTAACPSYLYQPTRDSYVVELLRDAGAVVIGKTNLDQFATGLVGTRSPY
GKTPCVFNDKYVSGGSSAGSASVVGRGIVPLSLGTDTAGAGRVPAALNNLIGLKPTKGAFSCRGVVPACKSLDCVSVFAL
NLSDAEIAFKVMNKPDLLEDEYSREFPKNPISQYPKDLTIAIPKEVPWFGETENPKLYTKAVASLKNTGAKIVVVDFEPL
LELARCLYEGAWVAERYCATRDFLATNPPESSLDETVVNIIKGAVKFDAADAFKFEYKRQGILQKVNLLLKDIDVLCVPT
CPLNPKLEEVAQEPVLVNSRQGTWTNFVNLADLAALAVPSGFRSDGLPNGITLIGKKFSDYALLDLAKRFFSVAFPNNSR
TYGKFVDRRITVEDELDGPSKDTLNGVKLAVVGAHLKGLPLHWQLQKCNATYLSSPKTSNNYKLYALPKVGPVLKPGLRR
VNDGTGSQIQLEVYSVPYDRFGDFIAMVPEPLGIGSVELESGEWVKSFICEEFGYTQQGTVDITKFGGFKPYIEHIQVTE
AQKK
;
_entity_poly.pdbx_strand_id   A,B
#
# COMPACT_ATOMS: atom_id res chain seq x y z
N MET A 24 -53.71 1.97 -9.28
CA MET A 24 -53.74 1.46 -7.88
C MET A 24 -52.86 2.33 -6.97
N GLU A 25 -51.56 2.40 -7.29
CA GLU A 25 -50.61 3.37 -6.69
C GLU A 25 -49.62 3.78 -7.78
N SER A 26 -48.74 4.74 -7.49
CA SER A 26 -47.61 5.00 -8.41
C SER A 26 -46.20 4.84 -7.80
N THR A 27 -45.42 3.96 -8.41
CA THR A 27 -44.07 3.64 -7.96
C THR A 27 -42.96 4.58 -8.46
N LEU A 28 -43.17 5.20 -9.63
CA LEU A 28 -42.13 5.99 -10.27
C LEU A 28 -41.58 7.06 -9.34
N GLY A 29 -40.29 6.97 -9.00
CA GLY A 29 -39.65 7.96 -8.11
C GLY A 29 -39.52 7.56 -6.63
N TRP A 30 -39.86 6.30 -6.36
CA TRP A 30 -39.71 5.73 -5.03
C TRP A 30 -38.29 5.42 -4.69
N SER A 31 -37.83 5.99 -3.58
CA SER A 31 -36.57 5.60 -2.95
C SER A 31 -36.57 4.16 -2.45
N VAL A 32 -35.41 3.73 -1.98
CA VAL A 32 -35.27 2.42 -1.39
C VAL A 32 -36.19 2.39 -0.17
N GLN A 33 -36.15 3.45 0.63
CA GLN A 33 -36.99 3.51 1.82
C GLN A 33 -38.49 3.36 1.48
N ASP A 34 -39.05 4.26 0.66
CA ASP A 34 -40.43 4.12 0.08
C ASP A 34 -40.85 2.63 -0.15
N TRP A 35 -40.09 1.93 -0.98
CA TRP A 35 -40.30 0.52 -1.27
C TRP A 35 -40.30 -0.39 -0.10
N LEU A 36 -39.47 -0.08 0.88
CA LEU A 36 -39.38 -0.94 2.04
C LEU A 36 -40.62 -0.79 2.92
N SER A 37 -41.01 0.45 3.19
CA SER A 37 -42.10 0.67 4.12
C SER A 37 -43.40 0.18 3.54
N PHE A 38 -43.55 0.22 2.23
CA PHE A 38 -44.72 -0.41 1.62
C PHE A 38 -44.71 -1.89 1.97
N HIS A 39 -43.64 -2.58 1.65
CA HIS A 39 -43.58 -4.01 1.80
C HIS A 39 -43.75 -4.47 3.21
N SER A 40 -43.40 -3.58 4.13
CA SER A 40 -43.44 -3.88 5.56
C SER A 40 -44.89 -3.97 6.02
N LYS A 41 -45.71 -2.97 5.69
CA LYS A 41 -47.12 -2.95 6.13
C LYS A 41 -48.10 -3.53 5.12
N SER A 42 -47.61 -4.38 4.23
CA SER A 42 -48.43 -4.96 3.19
C SER A 42 -48.14 -6.46 3.17
N THR A 43 -48.60 -7.20 2.17
CA THR A 43 -48.51 -8.67 2.27
C THR A 43 -47.74 -9.32 1.15
N PRO A 44 -47.21 -10.53 1.40
CA PRO A 44 -46.49 -11.32 0.40
C PRO A 44 -47.26 -11.65 -0.90
N THR A 45 -48.41 -11.01 -1.13
CA THR A 45 -49.04 -11.12 -2.45
C THR A 45 -49.31 -9.75 -3.02
N LYS A 46 -49.70 -8.81 -2.16
CA LYS A 46 -49.97 -7.43 -2.55
C LYS A 46 -48.70 -6.64 -2.89
N SER A 47 -47.57 -7.10 -2.38
CA SER A 47 -46.33 -6.42 -2.71
C SER A 47 -45.63 -7.12 -3.88
N LEU A 48 -45.97 -8.38 -4.12
CA LEU A 48 -45.66 -9.00 -5.42
C LEU A 48 -46.52 -8.41 -6.57
N GLU A 49 -47.75 -8.02 -6.26
CA GLU A 49 -48.61 -7.33 -7.19
C GLU A 49 -47.92 -6.08 -7.72
N LEU A 50 -47.42 -5.23 -6.81
CA LEU A 50 -46.79 -3.97 -7.18
C LEU A 50 -45.59 -4.20 -8.10
N LEU A 51 -44.73 -5.14 -7.72
CA LEU A 51 -43.63 -5.57 -8.59
C LEU A 51 -44.13 -6.24 -9.86
N GLU A 52 -45.20 -7.04 -9.76
CA GLU A 52 -45.72 -7.79 -10.92
C GLU A 52 -46.12 -6.88 -12.08
N ASN A 53 -46.64 -5.70 -11.74
CA ASN A 53 -47.06 -4.79 -12.76
C ASN A 53 -46.16 -3.57 -12.94
N LEU A 54 -45.24 -3.33 -12.00
CA LEU A 54 -44.10 -2.51 -12.38
C LEU A 54 -43.41 -3.18 -13.59
N LEU A 55 -43.13 -4.48 -13.49
CA LEU A 55 -42.53 -5.26 -14.60
C LEU A 55 -43.38 -5.23 -15.88
N LYS A 56 -44.71 -5.27 -15.75
CA LYS A 56 -45.59 -5.27 -16.93
C LYS A 56 -45.59 -3.92 -17.65
N SER A 57 -45.42 -2.83 -16.89
CA SER A 57 -45.37 -1.48 -17.47
C SER A 57 -44.13 -1.19 -18.34
N GLN A 58 -43.19 -2.12 -18.44
CA GLN A 58 -41.91 -1.88 -19.10
C GLN A 58 -41.84 -2.57 -20.46
N LYS A 59 -41.08 -1.97 -21.37
CA LYS A 59 -40.92 -2.54 -22.70
C LYS A 59 -39.46 -2.71 -23.00
N PRO A 60 -39.13 -3.73 -23.79
CA PRO A 60 -37.74 -3.94 -24.13
C PRO A 60 -37.34 -3.21 -25.41
N ALA A 61 -36.31 -3.79 -26.02
CA ALA A 61 -36.13 -3.84 -27.47
C ALA A 61 -35.89 -2.45 -27.93
N PRO A 62 -36.42 -2.11 -29.15
CA PRO A 62 -36.35 -0.75 -29.69
C PRO A 62 -37.41 0.14 -29.06
N GLU A 63 -38.47 -0.45 -28.54
CA GLU A 63 -39.57 0.33 -28.01
C GLU A 63 -39.17 1.16 -26.75
N ASP A 64 -38.50 0.55 -25.78
CA ASP A 64 -37.79 1.36 -24.81
C ASP A 64 -36.31 1.09 -24.92
N PRO A 65 -35.58 2.00 -25.58
CA PRO A 65 -34.17 1.71 -25.80
C PRO A 65 -33.38 1.49 -24.47
N ALA A 66 -33.86 2.02 -23.35
CA ALA A 66 -33.24 1.78 -22.03
C ALA A 66 -33.00 0.29 -21.59
N TRP A 67 -33.89 -0.61 -21.98
CA TRP A 67 -33.85 -2.00 -21.54
C TRP A 67 -33.51 -2.90 -22.68
N ILE A 68 -32.43 -3.66 -22.57
CA ILE A 68 -32.18 -4.72 -23.54
C ILE A 68 -33.03 -6.00 -23.33
N SER A 69 -33.15 -6.47 -22.10
CA SER A 69 -34.04 -7.60 -21.82
C SER A 69 -34.83 -7.36 -20.53
N LEU A 70 -35.99 -7.95 -20.41
CA LEU A 70 -36.71 -7.88 -19.11
C LEU A 70 -36.86 -9.25 -18.53
N ILE A 71 -37.07 -9.36 -17.21
CA ILE A 71 -37.30 -10.70 -16.63
C ILE A 71 -38.70 -11.21 -17.04
N PRO A 72 -38.80 -12.49 -17.45
CA PRO A 72 -40.15 -13.04 -17.67
C PRO A 72 -40.94 -12.91 -16.38
N VAL A 73 -42.25 -13.02 -16.47
CA VAL A 73 -43.11 -12.87 -15.29
C VAL A 73 -42.84 -13.99 -14.29
N GLU A 74 -42.38 -15.14 -14.80
CA GLU A 74 -42.16 -16.34 -14.02
C GLU A 74 -40.82 -16.24 -13.27
N ASP A 75 -39.85 -15.56 -13.87
CA ASP A 75 -38.61 -15.30 -13.18
C ASP A 75 -38.84 -14.40 -11.98
N LEU A 76 -39.77 -13.45 -12.13
CA LEU A 76 -40.12 -12.55 -11.03
C LEU A 76 -40.61 -13.37 -9.86
N HIS A 77 -41.52 -14.32 -10.16
CA HIS A 77 -42.07 -15.23 -9.17
C HIS A 77 -41.00 -16.01 -8.43
N HIS A 78 -40.03 -16.53 -9.20
CA HIS A 78 -38.91 -17.28 -8.67
C HIS A 78 -38.02 -16.50 -7.75
N GLN A 79 -37.58 -15.33 -8.18
CA GLN A 79 -36.82 -14.48 -7.27
C GLN A 79 -37.65 -14.25 -6.01
N TRP A 80 -38.93 -13.94 -6.22
CA TRP A 80 -39.81 -13.64 -5.10
C TRP A 80 -40.06 -14.82 -4.21
N ASN A 81 -40.10 -16.03 -4.75
CA ASN A 81 -40.12 -17.23 -3.87
C ASN A 81 -38.91 -17.32 -2.94
N ILE A 82 -37.72 -17.20 -3.53
CA ILE A 82 -36.47 -17.29 -2.78
C ILE A 82 -36.42 -16.22 -1.69
N LEU A 83 -36.80 -15.00 -2.07
CA LEU A 83 -37.06 -13.97 -1.08
C LEU A 83 -37.99 -14.40 0.06
N GLN A 84 -38.66 -15.53 -0.13
CA GLN A 84 -39.63 -15.99 0.84
C GLN A 84 -39.04 -17.00 1.85
N SER A 85 -38.10 -17.84 1.38
CA SER A 85 -37.30 -18.66 2.29
C SER A 85 -36.55 -17.82 3.33
N LYS A 86 -35.92 -16.72 2.91
CA LYS A 86 -35.18 -15.80 3.80
C LYS A 86 -35.96 -15.52 5.09
N SER A 87 -35.35 -15.77 6.24
CA SER A 87 -36.11 -15.84 7.50
C SER A 87 -36.15 -14.57 8.37
N ASN A 88 -35.23 -13.64 8.16
CA ASN A 88 -35.25 -12.39 8.93
C ASN A 88 -35.51 -11.20 8.00
N LYS A 89 -36.58 -11.35 7.21
CA LYS A 89 -36.97 -10.43 6.15
C LYS A 89 -36.86 -8.95 6.47
N GLU A 90 -37.46 -8.50 7.56
CA GLU A 90 -37.52 -7.06 7.84
C GLU A 90 -36.18 -6.49 8.37
N GLU A 91 -35.10 -7.04 7.83
CA GLU A 91 -33.74 -6.68 8.18
C GLU A 91 -32.82 -6.60 6.96
N LEU A 92 -33.17 -7.33 5.89
CA LEU A 92 -32.49 -7.23 4.59
C LEU A 92 -32.64 -5.80 4.07
N PRO A 93 -31.50 -5.10 3.91
CA PRO A 93 -31.64 -3.66 3.78
C PRO A 93 -32.25 -3.31 2.44
N LEU A 94 -32.37 -4.31 1.56
CA LEU A 94 -32.93 -4.09 0.24
C LEU A 94 -34.13 -4.98 -0.14
N TYR A 95 -35.01 -5.27 0.82
CA TYR A 95 -36.02 -6.32 0.64
C TYR A 95 -37.05 -5.97 -0.46
N GLY A 96 -37.10 -6.79 -1.51
CA GLY A 96 -37.99 -6.57 -2.66
C GLY A 96 -37.87 -5.24 -3.39
N VAL A 97 -36.68 -4.63 -3.34
CA VAL A 97 -36.38 -3.41 -4.08
C VAL A 97 -35.98 -3.83 -5.49
N PRO A 98 -36.68 -3.28 -6.50
CA PRO A 98 -36.32 -3.62 -7.89
C PRO A 98 -35.05 -2.88 -8.31
N ILE A 99 -34.25 -3.49 -9.18
CA ILE A 99 -33.03 -2.86 -9.63
C ILE A 99 -32.74 -3.28 -11.07
N ALA A 100 -31.90 -2.49 -11.76
CA ALA A 100 -31.46 -2.81 -13.13
C ALA A 100 -29.94 -2.98 -13.23
N VAL A 101 -29.53 -3.76 -14.23
CA VAL A 101 -28.12 -4.03 -14.34
C VAL A 101 -27.61 -3.91 -15.77
N LYS A 102 -26.60 -3.05 -15.94
CA LYS A 102 -25.92 -2.90 -17.23
C LYS A 102 -25.78 -4.27 -17.85
N ASP A 103 -26.02 -4.40 -19.15
CA ASP A 103 -25.97 -5.71 -19.78
C ASP A 103 -24.53 -6.19 -19.99
N ASN A 104 -23.77 -5.78 -19.00
CA ASN A 104 -22.35 -5.86 -18.80
C ASN A 104 -22.04 -6.88 -17.62
N ILE A 105 -23.00 -6.99 -16.72
CA ILE A 105 -22.85 -7.61 -15.43
C ILE A 105 -23.82 -8.82 -15.43
N ASP A 106 -23.33 -10.04 -15.18
CA ASP A 106 -24.17 -11.26 -15.22
C ASP A 106 -25.29 -11.26 -14.18
N TYR A 107 -26.42 -11.82 -14.58
CA TYR A 107 -27.49 -12.25 -13.68
C TYR A 107 -27.94 -13.61 -14.23
N LYS A 108 -28.18 -14.58 -13.34
CA LYS A 108 -28.47 -15.95 -13.78
C LYS A 108 -29.78 -16.02 -14.60
N GLY A 109 -30.77 -15.21 -14.17
CA GLY A 109 -32.08 -15.13 -14.81
C GLY A 109 -32.15 -14.72 -16.28
N LEU A 110 -31.27 -13.80 -16.72
CA LEU A 110 -31.29 -13.28 -18.11
C LEU A 110 -29.98 -13.46 -18.91
N PRO A 111 -30.01 -13.15 -20.24
CA PRO A 111 -28.76 -13.33 -20.97
C PRO A 111 -27.88 -12.10 -20.78
N THR A 112 -26.59 -12.27 -21.02
CA THR A 112 -25.69 -11.12 -21.06
C THR A 112 -25.24 -10.93 -22.51
N THR A 113 -25.24 -9.66 -22.91
CA THR A 113 -25.06 -9.25 -24.29
C THR A 113 -23.91 -8.24 -24.53
N ALA A 114 -23.72 -7.32 -23.58
CA ALA A 114 -22.80 -6.17 -23.72
C ALA A 114 -23.13 -5.25 -24.91
N ALA A 115 -24.44 -5.12 -25.19
CA ALA A 115 -25.04 -4.43 -26.34
C ALA A 115 -24.49 -4.97 -27.68
N CYS A 116 -24.25 -6.27 -27.69
CA CYS A 116 -23.89 -6.97 -28.92
C CYS A 116 -24.73 -8.26 -29.14
N PRO A 117 -25.72 -8.19 -30.04
CA PRO A 117 -26.60 -9.33 -30.24
C PRO A 117 -25.87 -10.65 -30.48
N SER A 118 -24.74 -10.64 -31.17
CA SER A 118 -24.07 -11.90 -31.45
C SER A 118 -23.14 -12.39 -30.32
N TYR A 119 -22.80 -11.49 -29.39
CA TYR A 119 -22.02 -11.85 -28.19
C TYR A 119 -22.88 -12.53 -27.10
N LEU A 120 -24.20 -12.52 -27.29
CA LEU A 120 -25.16 -13.08 -26.34
C LEU A 120 -24.76 -14.45 -25.77
N TYR A 121 -24.45 -14.46 -24.49
CA TYR A 121 -24.29 -15.71 -23.76
C TYR A 121 -25.21 -15.69 -22.55
N GLN A 122 -25.55 -16.89 -22.08
CA GLN A 122 -26.32 -17.11 -20.83
C GLN A 122 -25.38 -17.45 -19.69
N PRO A 123 -25.28 -16.60 -18.67
CA PRO A 123 -24.50 -17.11 -17.54
C PRO A 123 -25.31 -18.04 -16.63
N THR A 124 -24.72 -19.17 -16.26
CA THR A 124 -25.33 -20.10 -15.28
C THR A 124 -25.15 -19.65 -13.82
N ARG A 125 -24.72 -18.41 -13.57
CA ARG A 125 -24.34 -17.95 -12.21
C ARG A 125 -24.36 -16.43 -12.12
N ASP A 126 -24.88 -15.87 -11.03
CA ASP A 126 -24.84 -14.41 -10.83
C ASP A 126 -23.42 -13.83 -10.71
N SER A 127 -23.30 -12.60 -11.18
CA SER A 127 -22.23 -11.72 -10.77
C SER A 127 -22.07 -11.70 -9.25
N TYR A 128 -20.86 -11.65 -8.74
CA TYR A 128 -20.75 -11.58 -7.31
C TYR A 128 -21.58 -10.43 -6.79
N VAL A 129 -21.58 -9.35 -7.53
CA VAL A 129 -22.23 -8.15 -7.06
C VAL A 129 -23.75 -8.31 -7.09
N VAL A 130 -24.28 -9.02 -8.09
CA VAL A 130 -25.71 -9.23 -8.21
C VAL A 130 -26.13 -10.12 -7.03
N GLU A 131 -25.33 -11.19 -6.85
CA GLU A 131 -25.50 -12.15 -5.79
C GLU A 131 -25.61 -11.49 -4.44
N LEU A 132 -24.73 -10.51 -4.18
CA LEU A 132 -24.82 -9.76 -2.93
C LEU A 132 -26.15 -9.01 -2.77
N LEU A 133 -26.56 -8.26 -3.80
CA LEU A 133 -27.81 -7.48 -3.76
C LEU A 133 -29.06 -8.39 -3.69
N ARG A 134 -28.99 -9.55 -4.37
CA ARG A 134 -30.04 -10.55 -4.21
C ARG A 134 -30.16 -11.04 -2.73
N ASP A 135 -29.04 -11.48 -2.15
CA ASP A 135 -28.93 -11.74 -0.70
C ASP A 135 -29.35 -10.60 0.21
N ALA A 136 -29.17 -9.34 -0.21
CA ALA A 136 -29.68 -8.24 0.59
C ALA A 136 -31.18 -8.00 0.31
N GLY A 137 -31.76 -8.90 -0.50
CA GLY A 137 -33.19 -8.86 -0.79
C GLY A 137 -33.66 -8.04 -2.00
N ALA A 138 -32.83 -7.87 -3.02
CA ALA A 138 -33.23 -7.07 -4.17
C ALA A 138 -33.76 -7.92 -5.35
N VAL A 139 -34.61 -7.30 -6.17
CA VAL A 139 -35.12 -8.01 -7.33
C VAL A 139 -34.60 -7.41 -8.65
N VAL A 140 -33.94 -8.26 -9.44
CA VAL A 140 -33.45 -7.82 -10.72
C VAL A 140 -34.58 -7.86 -11.70
N ILE A 141 -34.69 -6.76 -12.45
CA ILE A 141 -35.80 -6.51 -13.33
C ILE A 141 -35.45 -6.70 -14.77
N GLY A 142 -34.20 -6.43 -15.14
CA GLY A 142 -33.74 -6.68 -16.52
C GLY A 142 -32.38 -6.07 -16.86
N LYS A 143 -31.69 -6.58 -17.88
CA LYS A 143 -30.46 -5.97 -18.34
C LYS A 143 -30.66 -4.67 -19.15
N THR A 144 -29.94 -3.66 -18.68
CA THR A 144 -30.06 -2.32 -19.16
C THR A 144 -29.04 -2.03 -20.24
N ASN A 145 -29.37 -1.13 -21.16
CA ASN A 145 -28.63 -0.89 -22.43
C ASN A 145 -27.36 -0.03 -22.18
N LEU A 146 -26.33 -0.29 -22.98
CA LEU A 146 -25.01 0.31 -22.84
C LEU A 146 -24.38 0.55 -24.20
N ASP A 147 -23.37 1.42 -24.26
CA ASP A 147 -22.53 1.58 -25.44
C ASP A 147 -21.90 0.22 -25.66
N GLN A 148 -21.97 -0.27 -26.89
CA GLN A 148 -21.40 -1.58 -27.15
C GLN A 148 -20.05 -1.76 -26.48
N PHE A 149 -19.89 -2.93 -25.86
CA PHE A 149 -18.71 -3.29 -25.07
C PHE A 149 -18.22 -2.24 -24.11
N ALA A 150 -19.18 -1.54 -23.48
CA ALA A 150 -18.85 -0.49 -22.51
C ALA A 150 -17.91 0.59 -23.06
N THR A 151 -17.90 0.77 -24.39
CA THR A 151 -16.89 1.63 -25.05
C THR A 151 -17.47 2.95 -25.52
N GLY A 152 -17.55 3.94 -24.62
CA GLY A 152 -18.11 5.27 -24.93
C GLY A 152 -18.74 6.03 -23.77
N LEU A 153 -18.90 7.34 -23.91
CA LEU A 153 -19.42 8.18 -22.83
C LEU A 153 -20.67 8.90 -23.31
N VAL A 154 -21.19 8.45 -24.46
CA VAL A 154 -22.37 9.04 -25.07
C VAL A 154 -23.65 8.24 -24.86
N GLY A 155 -23.62 6.92 -25.04
CA GLY A 155 -24.85 6.11 -24.89
C GLY A 155 -25.52 5.89 -26.23
N THR A 156 -24.82 6.22 -27.31
CA THR A 156 -25.42 6.11 -28.63
C THR A 156 -24.90 4.93 -29.41
N ARG A 157 -23.89 4.26 -28.90
CA ARG A 157 -23.17 3.32 -29.69
C ARG A 157 -23.64 1.87 -29.52
N SER A 158 -24.96 1.68 -29.63
CA SER A 158 -25.61 0.37 -29.47
C SER A 158 -26.63 0.04 -30.56
N PRO A 159 -26.52 -1.15 -31.18
CA PRO A 159 -27.55 -1.65 -32.10
C PRO A 159 -28.93 -1.73 -31.48
N TYR A 160 -29.02 -1.77 -30.16
CA TYR A 160 -30.33 -1.83 -29.51
C TYR A 160 -31.05 -0.48 -29.48
N GLY A 161 -30.33 0.59 -29.83
CA GLY A 161 -30.97 1.90 -29.86
C GLY A 161 -30.27 2.95 -29.05
N LYS A 162 -30.62 4.20 -29.32
CA LYS A 162 -30.00 5.33 -28.68
C LYS A 162 -30.86 5.81 -27.54
N THR A 163 -30.35 5.65 -26.32
CA THR A 163 -31.10 5.97 -25.13
C THR A 163 -31.04 7.46 -24.95
N PRO A 164 -32.20 8.11 -24.78
CA PRO A 164 -32.18 9.56 -24.62
C PRO A 164 -32.15 10.02 -23.18
N CYS A 165 -31.60 11.20 -22.95
CA CYS A 165 -31.73 11.90 -21.70
C CYS A 165 -33.19 11.97 -21.25
N VAL A 166 -33.40 11.63 -19.99
CA VAL A 166 -34.68 11.55 -19.31
C VAL A 166 -35.54 12.85 -19.27
N PHE A 167 -34.95 13.97 -19.69
CA PHE A 167 -35.55 15.29 -19.63
C PHE A 167 -36.08 15.74 -20.98
N ASN A 168 -35.35 15.37 -22.05
CA ASN A 168 -35.49 15.96 -23.38
C ASN A 168 -35.01 15.00 -24.44
N ASP A 169 -35.84 14.59 -25.39
CA ASP A 169 -35.43 13.52 -26.30
C ASP A 169 -34.47 13.92 -27.39
N LYS A 170 -34.16 15.21 -27.49
CA LYS A 170 -33.10 15.63 -28.42
C LYS A 170 -31.73 15.31 -27.83
N TYR A 171 -31.71 14.99 -26.54
CA TYR A 171 -30.46 14.88 -25.83
C TYR A 171 -30.05 13.48 -25.49
N VAL A 172 -28.75 13.28 -25.58
CA VAL A 172 -28.09 12.03 -25.33
C VAL A 172 -28.18 11.68 -23.84
N SER A 173 -28.32 10.41 -23.48
CA SER A 173 -28.36 10.02 -22.05
C SER A 173 -26.99 10.03 -21.32
N GLY A 174 -25.91 9.95 -22.09
CA GLY A 174 -24.59 9.68 -21.56
C GLY A 174 -24.36 8.18 -21.61
N GLY A 175 -23.07 7.78 -21.62
CA GLY A 175 -22.72 6.38 -21.62
C GLY A 175 -21.46 6.09 -20.80
N SER A 176 -21.01 4.83 -20.82
CA SER A 176 -21.70 3.74 -21.50
C SER A 176 -22.88 3.19 -20.75
N SER A 177 -22.98 3.51 -19.47
CA SER A 177 -24.13 3.08 -18.66
C SER A 177 -25.42 3.84 -18.99
N ALA A 178 -25.84 3.77 -20.24
CA ALA A 178 -27.01 4.53 -20.72
C ALA A 178 -28.37 4.16 -20.10
N GLY A 179 -28.75 2.90 -20.21
CA GLY A 179 -30.07 2.46 -19.70
C GLY A 179 -30.22 2.56 -18.20
N SER A 180 -29.15 2.17 -17.50
CA SER A 180 -29.08 2.29 -16.04
C SER A 180 -29.33 3.69 -15.52
N ALA A 181 -28.76 4.70 -16.18
CA ALA A 181 -29.01 6.08 -15.78
C ALA A 181 -30.44 6.51 -16.09
N SER A 182 -30.95 6.02 -17.22
CA SER A 182 -32.25 6.43 -17.77
C SER A 182 -33.39 5.91 -16.90
N VAL A 183 -33.21 4.68 -16.49
CA VAL A 183 -34.22 3.94 -15.75
C VAL A 183 -34.33 4.42 -14.30
N VAL A 184 -33.21 4.83 -13.71
CA VAL A 184 -33.27 5.43 -12.40
C VAL A 184 -33.67 6.87 -12.56
N GLY A 185 -33.19 7.53 -13.60
CA GLY A 185 -33.59 8.92 -13.85
C GLY A 185 -35.07 9.19 -13.96
N ARG A 186 -35.80 8.28 -14.61
CA ARG A 186 -37.26 8.46 -14.63
C ARG A 186 -37.93 7.60 -13.55
N GLY A 187 -37.15 7.20 -12.55
CA GLY A 187 -37.68 6.58 -11.34
C GLY A 187 -38.37 5.24 -11.50
N ILE A 188 -38.09 4.51 -12.57
CA ILE A 188 -38.67 3.18 -12.74
C ILE A 188 -38.19 2.35 -11.54
N VAL A 189 -36.92 2.60 -11.19
CA VAL A 189 -36.20 1.76 -10.24
C VAL A 189 -35.35 2.71 -9.37
N PRO A 190 -35.08 2.38 -8.08
CA PRO A 190 -34.36 3.39 -7.32
C PRO A 190 -32.82 3.21 -7.38
N LEU A 191 -32.38 2.07 -7.94
CA LEU A 191 -30.98 1.75 -8.03
C LEU A 191 -30.72 0.92 -9.28
N SER A 192 -29.65 1.26 -10.01
CA SER A 192 -29.15 0.44 -11.13
C SER A 192 -27.62 0.33 -11.04
N LEU A 193 -27.05 -0.67 -11.67
CA LEU A 193 -25.60 -0.83 -11.72
C LEU A 193 -25.11 -0.40 -13.06
N GLY A 194 -23.95 0.24 -13.07
CA GLY A 194 -23.24 0.53 -14.31
C GLY A 194 -21.85 -0.02 -14.15
N THR A 195 -20.99 0.26 -15.13
CA THR A 195 -19.54 0.14 -14.89
C THR A 195 -18.88 1.48 -15.24
N ASP A 196 -17.59 1.61 -14.98
CA ASP A 196 -16.87 2.88 -15.08
C ASP A 196 -15.42 2.58 -15.12
N THR A 197 -14.84 2.80 -16.28
CA THR A 197 -13.42 2.72 -16.50
C THR A 197 -12.84 4.15 -16.58
N ALA A 198 -13.54 5.02 -17.30
CA ALA A 198 -13.11 6.37 -17.59
C ALA A 198 -14.30 7.29 -17.71
N GLY A 199 -15.35 7.00 -16.94
CA GLY A 199 -16.38 8.01 -16.74
C GLY A 199 -17.79 7.52 -16.85
N ALA A 200 -17.96 6.25 -17.18
CA ALA A 200 -19.27 5.71 -17.56
C ALA A 200 -20.25 5.54 -16.39
N GLY A 201 -19.81 5.84 -15.19
CA GLY A 201 -20.73 5.86 -14.04
C GLY A 201 -20.85 7.24 -13.45
N ARG A 202 -20.13 8.18 -14.05
CA ARG A 202 -20.13 9.58 -13.66
C ARG A 202 -20.93 10.43 -14.66
N VAL A 203 -20.48 10.45 -15.92
CA VAL A 203 -21.11 11.27 -16.97
C VAL A 203 -22.62 11.09 -17.06
N PRO A 204 -23.11 9.82 -17.03
CA PRO A 204 -24.58 9.70 -17.03
C PRO A 204 -25.30 10.23 -15.77
N ALA A 205 -24.61 10.40 -14.64
CA ALA A 205 -25.28 10.97 -13.46
C ALA A 205 -25.60 12.41 -13.73
N ALA A 206 -24.62 13.11 -14.27
CA ALA A 206 -24.75 14.52 -14.53
C ALA A 206 -25.98 14.79 -15.41
N LEU A 207 -26.06 14.05 -16.52
CA LEU A 207 -27.02 14.30 -17.58
C LEU A 207 -28.43 13.89 -17.17
N ASN A 208 -28.54 13.17 -16.05
CA ASN A 208 -29.86 12.72 -15.64
C ASN A 208 -30.25 13.09 -14.21
N ASN A 209 -29.50 14.02 -13.63
CA ASN A 209 -29.78 14.56 -12.28
C ASN A 209 -29.80 13.47 -11.16
N LEU A 210 -28.89 12.50 -11.31
CA LEU A 210 -28.77 11.34 -10.48
C LEU A 210 -27.53 11.48 -9.61
N ILE A 211 -27.39 10.50 -8.71
CA ILE A 211 -26.16 10.24 -7.99
C ILE A 211 -25.40 9.09 -8.64
N GLY A 212 -24.12 9.34 -8.95
CA GLY A 212 -23.22 8.34 -9.56
C GLY A 212 -22.04 8.07 -8.63
N LEU A 213 -22.07 6.92 -7.95
CA LEU A 213 -20.98 6.51 -7.08
C LEU A 213 -20.00 5.59 -7.85
N LYS A 214 -18.77 6.07 -8.05
CA LYS A 214 -17.71 5.24 -8.62
C LYS A 214 -16.84 4.77 -7.46
N PRO A 215 -17.11 3.57 -6.96
CA PRO A 215 -16.43 3.08 -5.76
C PRO A 215 -14.92 3.12 -5.93
N THR A 216 -14.20 3.35 -4.84
CA THR A 216 -12.80 2.92 -4.80
C THR A 216 -12.63 1.59 -5.55
N LYS A 217 -11.64 1.54 -6.42
CA LYS A 217 -11.39 0.42 -7.29
C LYS A 217 -11.18 -0.82 -6.43
N GLY A 218 -11.70 -1.97 -6.88
CA GLY A 218 -11.45 -3.23 -6.21
C GLY A 218 -12.36 -3.52 -5.03
N ALA A 219 -13.04 -2.50 -4.53
CA ALA A 219 -14.01 -2.65 -3.49
C ALA A 219 -15.18 -3.52 -3.91
N PHE A 220 -15.72 -3.30 -5.12
CA PHE A 220 -16.82 -4.11 -5.68
C PHE A 220 -16.15 -5.11 -6.57
N SER A 221 -16.63 -6.33 -6.54
CA SER A 221 -15.97 -7.35 -7.33
C SER A 221 -16.40 -7.21 -8.78
N CYS A 222 -15.57 -7.70 -9.67
CA CYS A 222 -15.92 -7.77 -11.07
C CYS A 222 -16.04 -9.21 -11.49
N ARG A 223 -16.28 -10.14 -10.55
CA ARG A 223 -16.61 -11.50 -10.98
C ARG A 223 -17.97 -11.49 -11.68
N GLY A 224 -17.99 -12.03 -12.89
CA GLY A 224 -19.24 -12.11 -13.67
C GLY A 224 -19.60 -10.80 -14.37
N VAL A 225 -18.62 -9.93 -14.60
CA VAL A 225 -18.90 -8.74 -15.40
C VAL A 225 -17.94 -8.88 -16.56
N VAL A 226 -18.38 -8.52 -17.75
CA VAL A 226 -17.50 -8.78 -18.89
C VAL A 226 -16.35 -7.74 -18.86
N PRO A 227 -15.09 -8.22 -18.96
CA PRO A 227 -13.92 -7.34 -18.91
C PRO A 227 -13.87 -6.31 -20.09
N ALA A 228 -13.69 -5.03 -19.77
CA ALA A 228 -13.43 -3.99 -20.77
C ALA A 228 -11.92 -3.65 -20.63
N CYS A 229 -11.59 -2.65 -19.82
CA CYS A 229 -10.24 -2.47 -19.30
C CYS A 229 -10.13 -3.06 -17.90
N LYS A 230 -10.05 -4.39 -17.83
CA LYS A 230 -9.97 -5.14 -16.59
C LYS A 230 -9.20 -4.44 -15.43
N SER A 231 -8.01 -3.94 -15.71
CA SER A 231 -7.10 -3.42 -14.72
C SER A 231 -7.54 -2.06 -14.24
N LEU A 232 -8.49 -1.46 -14.94
CA LEU A 232 -9.05 -0.17 -14.51
C LEU A 232 -10.55 -0.18 -14.14
N ASP A 233 -11.31 -1.14 -14.65
CA ASP A 233 -12.78 -1.26 -14.48
C ASP A 233 -13.32 -1.23 -13.05
N CYS A 234 -14.48 -0.60 -12.86
CA CYS A 234 -15.23 -0.63 -11.62
C CYS A 234 -16.70 -0.82 -11.91
N VAL A 235 -17.38 -1.68 -11.16
CA VAL A 235 -18.83 -1.63 -11.11
C VAL A 235 -19.21 -0.36 -10.35
N SER A 236 -20.34 0.23 -10.70
CA SER A 236 -20.74 1.49 -10.10
C SER A 236 -22.24 1.52 -9.89
N VAL A 237 -22.71 2.57 -9.24
CA VAL A 237 -24.11 2.63 -8.83
C VAL A 237 -24.79 3.98 -9.14
N PHE A 238 -26.03 3.90 -9.67
CA PHE A 238 -26.85 5.08 -9.83
C PHE A 238 -27.96 5.05 -8.82
N ALA A 239 -28.23 6.20 -8.21
CA ALA A 239 -29.36 6.33 -7.32
C ALA A 239 -29.85 7.76 -7.46
N LEU A 240 -30.91 8.09 -6.69
CA LEU A 240 -31.55 9.38 -6.69
C LEU A 240 -31.11 10.15 -5.49
N ASN A 241 -30.53 9.42 -4.55
CA ASN A 241 -30.15 10.09 -3.33
C ASN A 241 -28.92 9.44 -2.71
N LEU A 242 -28.21 10.22 -1.91
CA LEU A 242 -27.15 9.75 -1.00
C LEU A 242 -27.55 8.53 -0.15
N SER A 243 -28.76 8.59 0.41
CA SER A 243 -29.32 7.55 1.25
C SER A 243 -29.16 6.17 0.64
N ASP A 244 -29.56 6.04 -0.62
CA ASP A 244 -29.65 4.76 -1.29
C ASP A 244 -28.32 4.37 -1.87
N ALA A 245 -27.54 5.37 -2.23
CA ALA A 245 -26.22 5.10 -2.73
C ALA A 245 -25.45 4.40 -1.61
N GLU A 246 -25.63 4.90 -0.38
CA GLU A 246 -24.92 4.34 0.78
C GLU A 246 -25.33 2.89 1.00
N ILE A 247 -26.64 2.65 1.02
CA ILE A 247 -27.12 1.30 1.22
C ILE A 247 -26.48 0.38 0.20
N ALA A 248 -26.45 0.81 -1.05
CA ALA A 248 -25.94 -0.05 -2.12
C ALA A 248 -24.46 -0.31 -1.87
N PHE A 249 -23.74 0.76 -1.58
CA PHE A 249 -22.31 0.65 -1.36
C PHE A 249 -22.02 -0.30 -0.20
N LYS A 250 -22.76 -0.21 0.90
CA LYS A 250 -22.51 -1.12 2.05
C LYS A 250 -22.71 -2.57 1.67
N VAL A 251 -23.68 -2.83 0.80
CA VAL A 251 -23.98 -4.18 0.37
C VAL A 251 -23.00 -4.75 -0.64
N MET A 252 -22.37 -3.93 -1.48
CA MET A 252 -21.46 -4.49 -2.51
C MET A 252 -19.96 -4.40 -2.20
N ASN A 253 -19.57 -3.52 -1.26
CA ASN A 253 -18.19 -3.41 -0.75
C ASN A 253 -17.81 -4.62 0.07
N LYS A 254 -17.45 -5.68 -0.65
CA LYS A 254 -17.18 -6.97 -0.09
C LYS A 254 -16.00 -7.57 -0.87
N PRO A 255 -15.08 -8.28 -0.18
CA PRO A 255 -13.79 -8.68 -0.75
C PRO A 255 -13.75 -9.56 -2.01
N ASP A 256 -14.11 -10.82 -2.02
CA ASP A 256 -13.87 -11.65 -3.26
C ASP A 256 -12.42 -11.90 -3.86
N LEU A 257 -11.39 -12.09 -3.05
CA LEU A 257 -9.99 -12.15 -3.55
C LEU A 257 -9.63 -13.24 -4.54
N LEU A 258 -10.21 -14.43 -4.38
CA LEU A 258 -9.68 -15.58 -5.15
C LEU A 258 -10.36 -15.81 -6.49
N GLU A 259 -11.32 -14.93 -6.84
CA GLU A 259 -12.21 -15.07 -8.03
C GLU A 259 -12.19 -13.85 -8.92
N ASP A 260 -11.58 -12.75 -8.46
CA ASP A 260 -11.37 -11.51 -9.24
C ASP A 260 -9.95 -10.99 -8.96
N GLU A 261 -9.12 -10.90 -9.99
CA GLU A 261 -7.73 -10.56 -9.72
C GLU A 261 -7.44 -9.13 -9.28
N TYR A 262 -8.45 -8.25 -9.31
CA TYR A 262 -8.30 -6.84 -8.92
C TYR A 262 -9.21 -6.49 -7.75
N SER A 263 -9.72 -7.49 -7.05
CA SER A 263 -10.51 -7.19 -5.87
C SER A 263 -9.55 -6.80 -4.74
N ARG A 264 -9.93 -5.87 -3.89
CA ARG A 264 -9.15 -5.62 -2.68
C ARG A 264 -10.01 -5.16 -1.52
N GLU A 265 -9.78 -5.79 -0.36
CA GLU A 265 -10.58 -5.54 0.80
C GLU A 265 -10.37 -4.11 1.26
N PHE A 266 -11.47 -3.44 1.58
CA PHE A 266 -11.44 -2.20 2.31
C PHE A 266 -10.77 -2.35 3.69
N PRO A 267 -10.07 -1.31 4.17
CA PRO A 267 -9.50 -1.43 5.51
C PRO A 267 -10.53 -1.21 6.58
N LYS A 268 -10.16 -1.57 7.81
CA LYS A 268 -10.93 -1.25 9.00
C LYS A 268 -10.82 0.26 9.29
N ASN A 269 -11.77 0.80 10.05
CA ASN A 269 -11.77 2.22 10.40
C ASN A 269 -11.74 3.21 9.19
N PRO A 270 -12.65 3.01 8.22
CA PRO A 270 -12.68 3.88 7.05
C PRO A 270 -13.14 5.24 7.54
N ILE A 271 -12.57 6.33 7.04
CA ILE A 271 -13.04 7.66 7.45
C ILE A 271 -14.48 7.88 7.03
N SER A 272 -15.20 8.66 7.81
CA SER A 272 -16.62 8.80 7.58
C SER A 272 -17.05 10.24 7.22
N GLN A 273 -16.15 11.20 7.39
CA GLN A 273 -16.49 12.61 7.42
C GLN A 273 -15.22 13.35 7.34
N TYR A 274 -15.11 14.29 6.43
CA TYR A 274 -13.86 15.04 6.31
C TYR A 274 -13.91 16.16 7.33
N PRO A 275 -12.75 16.74 7.65
CA PRO A 275 -12.84 17.94 8.49
C PRO A 275 -13.63 19.08 7.79
N LYS A 276 -14.30 19.93 8.57
CA LYS A 276 -15.11 21.00 8.02
C LYS A 276 -14.27 21.91 7.14
N ASP A 277 -12.98 22.02 7.46
CA ASP A 277 -12.09 22.87 6.66
C ASP A 277 -11.16 22.07 5.76
N LEU A 278 -11.60 20.86 5.38
CA LEU A 278 -10.86 20.05 4.40
C LEU A 278 -10.39 20.91 3.22
N THR A 279 -9.31 20.45 2.56
CA THR A 279 -8.73 21.09 1.37
C THR A 279 -9.25 20.56 0.01
N ILE A 280 -9.99 21.40 -0.69
CA ILE A 280 -10.57 20.99 -1.94
C ILE A 280 -9.87 21.73 -3.03
N ALA A 281 -9.20 20.99 -3.91
CA ALA A 281 -8.58 21.55 -5.10
C ALA A 281 -9.58 21.62 -6.26
N ILE A 282 -9.49 22.73 -7.00
CA ILE A 282 -10.23 22.94 -8.24
C ILE A 282 -9.22 23.34 -9.29
N PRO A 283 -9.52 23.08 -10.59
CA PRO A 283 -8.47 23.28 -11.60
C PRO A 283 -8.27 24.73 -12.05
N LYS A 284 -7.08 25.05 -12.54
CA LYS A 284 -6.71 26.41 -12.82
C LYS A 284 -7.21 26.79 -14.19
N GLU A 285 -7.15 25.80 -15.08
CA GLU A 285 -7.68 25.91 -16.43
C GLU A 285 -8.89 25.04 -16.58
N VAL A 286 -10.02 25.65 -16.92
CA VAL A 286 -11.25 24.89 -17.17
C VAL A 286 -11.80 25.04 -18.60
N PRO A 287 -11.53 24.05 -19.46
CA PRO A 287 -12.02 24.11 -20.84
C PRO A 287 -13.47 23.72 -20.89
N TRP A 288 -14.25 24.56 -21.57
CA TRP A 288 -15.66 24.35 -21.82
C TRP A 288 -16.01 24.10 -23.27
N PHE A 289 -15.04 24.30 -24.18
CA PHE A 289 -15.26 23.98 -25.58
C PHE A 289 -16.45 24.72 -26.20
N GLY A 290 -16.68 25.96 -25.78
CA GLY A 290 -17.79 26.78 -26.30
C GLY A 290 -19.04 26.81 -25.40
N GLU A 291 -19.19 25.79 -24.56
CA GLU A 291 -20.33 25.76 -23.68
C GLU A 291 -20.38 27.02 -22.79
N THR A 292 -21.57 27.57 -22.57
CA THR A 292 -21.66 28.83 -21.82
C THR A 292 -22.57 28.72 -20.62
N GLU A 293 -23.47 27.75 -20.65
CA GLU A 293 -24.38 27.49 -19.55
C GLU A 293 -23.74 26.69 -18.37
N ASN A 294 -23.03 25.62 -18.72
CA ASN A 294 -22.39 24.77 -17.72
C ASN A 294 -21.36 25.43 -16.80
N PRO A 295 -20.47 26.32 -17.32
CA PRO A 295 -19.56 27.12 -16.46
C PRO A 295 -20.28 27.86 -15.35
N LYS A 296 -21.50 28.34 -15.63
CA LYS A 296 -22.32 29.03 -14.61
C LYS A 296 -22.55 28.10 -13.44
N LEU A 297 -23.15 26.93 -13.70
CA LEU A 297 -23.42 25.97 -12.64
C LEU A 297 -22.18 25.53 -11.88
N TYR A 298 -21.04 25.47 -12.55
CA TYR A 298 -19.81 25.11 -11.89
C TYR A 298 -19.38 26.19 -10.89
N THR A 299 -18.94 27.35 -11.39
CA THR A 299 -18.76 28.58 -10.58
C THR A 299 -19.65 28.62 -9.34
N LYS A 300 -20.93 28.36 -9.51
CA LYS A 300 -21.88 28.37 -8.42
C LYS A 300 -21.49 27.31 -7.40
N ALA A 301 -21.25 26.08 -7.88
CA ALA A 301 -20.93 24.91 -7.05
C ALA A 301 -19.71 25.15 -6.14
N VAL A 302 -18.67 25.74 -6.69
CA VAL A 302 -17.49 26.11 -5.93
C VAL A 302 -17.77 27.06 -4.77
N ALA A 303 -18.46 28.16 -5.07
CA ALA A 303 -18.89 29.13 -4.07
C ALA A 303 -19.67 28.40 -2.98
N SER A 304 -20.62 27.58 -3.41
CA SER A 304 -21.33 26.70 -2.53
C SER A 304 -20.44 25.83 -1.64
N LEU A 305 -19.29 25.37 -2.14
CA LEU A 305 -18.42 24.57 -1.29
C LEU A 305 -17.81 25.56 -0.27
N LYS A 306 -17.19 26.64 -0.76
CA LYS A 306 -16.63 27.69 0.09
C LYS A 306 -17.48 27.89 1.35
N ASN A 307 -18.79 28.05 1.19
CA ASN A 307 -19.70 28.26 2.33
C ASN A 307 -20.06 27.04 3.19
N THR A 308 -19.54 25.85 2.87
CA THR A 308 -19.58 24.75 3.85
C THR A 308 -18.44 25.06 4.80
N GLY A 309 -17.45 25.79 4.29
CA GLY A 309 -16.29 26.16 5.11
C GLY A 309 -15.07 25.42 4.66
N ALA A 310 -15.17 24.72 3.54
CA ALA A 310 -14.04 24.07 2.91
C ALA A 310 -12.99 25.09 2.45
N LYS A 311 -11.73 24.70 2.51
CA LYS A 311 -10.67 25.53 1.97
C LYS A 311 -10.49 25.13 0.52
N ILE A 312 -10.90 26.03 -0.37
CA ILE A 312 -10.82 25.83 -1.82
C ILE A 312 -9.48 26.35 -2.27
N VAL A 313 -8.70 25.53 -2.97
CA VAL A 313 -7.38 25.94 -3.50
C VAL A 313 -7.32 25.66 -5.02
N VAL A 314 -6.79 26.61 -5.77
CA VAL A 314 -6.71 26.51 -7.24
C VAL A 314 -5.40 25.87 -7.66
N VAL A 315 -5.49 24.77 -8.40
CA VAL A 315 -4.32 23.92 -8.59
C VAL A 315 -4.09 23.69 -10.07
N ASP A 316 -2.82 23.61 -10.45
CA ASP A 316 -2.44 23.29 -11.80
C ASP A 316 -2.64 21.76 -12.03
N PHE A 317 -3.76 21.38 -12.64
CA PHE A 317 -4.02 19.96 -12.94
C PHE A 317 -3.19 19.32 -14.04
N GLU A 318 -2.18 20.01 -14.56
CA GLU A 318 -1.34 19.40 -15.61
C GLU A 318 -0.99 17.90 -15.41
N PRO A 319 -0.44 17.54 -14.22
CA PRO A 319 -0.03 16.14 -14.06
C PRO A 319 -1.20 15.18 -14.32
N LEU A 320 -2.38 15.55 -13.83
CA LEU A 320 -3.56 14.73 -14.01
C LEU A 320 -3.96 14.63 -15.49
N LEU A 321 -3.93 15.75 -16.19
CA LEU A 321 -4.27 15.73 -17.60
C LEU A 321 -3.20 14.98 -18.37
N GLU A 322 -1.98 14.99 -17.85
CA GLU A 322 -0.90 14.18 -18.41
C GLU A 322 -1.27 12.69 -18.31
N LEU A 323 -1.83 12.33 -17.15
CA LEU A 323 -2.24 11.00 -16.85
C LEU A 323 -3.37 10.57 -17.78
N ALA A 324 -4.33 11.44 -18.06
CA ALA A 324 -5.37 11.10 -19.04
C ALA A 324 -4.84 10.97 -20.48
N ARG A 325 -3.83 11.74 -20.87
CA ARG A 325 -3.25 11.58 -22.20
C ARG A 325 -2.64 10.21 -22.40
N CYS A 326 -2.20 9.61 -21.29
CA CYS A 326 -1.76 8.22 -21.28
C CYS A 326 -2.84 7.28 -21.82
N LEU A 327 -4.05 7.46 -21.30
CA LEU A 327 -5.16 6.59 -21.60
C LEU A 327 -5.50 6.67 -23.09
N TYR A 328 -5.22 7.84 -23.67
CA TYR A 328 -5.59 8.14 -25.03
C TYR A 328 -4.53 7.67 -25.98
N GLU A 329 -3.27 7.94 -25.63
CA GLU A 329 -2.13 7.55 -26.49
C GLU A 329 -1.62 6.14 -26.25
N GLY A 330 -1.88 5.59 -25.07
CA GLY A 330 -1.30 4.30 -24.69
C GLY A 330 -1.94 3.07 -25.32
N ALA A 331 -1.53 1.91 -24.83
CA ALA A 331 -2.04 0.62 -25.29
C ALA A 331 -3.12 0.05 -24.36
N TRP A 332 -3.78 0.91 -23.60
CA TRP A 332 -4.80 0.37 -22.73
C TRP A 332 -5.97 -0.17 -23.54
N VAL A 333 -6.22 0.45 -24.70
CA VAL A 333 -7.24 -0.03 -25.67
C VAL A 333 -7.09 -1.53 -25.83
N ALA A 334 -5.82 -1.98 -25.79
CA ALA A 334 -5.51 -3.37 -25.99
C ALA A 334 -6.11 -4.29 -24.93
N GLU A 335 -6.53 -3.72 -23.81
CA GLU A 335 -7.28 -4.45 -22.76
C GLU A 335 -8.62 -4.89 -23.34
N ARG A 336 -9.35 -3.94 -23.94
CA ARG A 336 -10.55 -4.22 -24.75
C ARG A 336 -10.28 -5.31 -25.77
N TYR A 337 -9.16 -5.19 -26.46
CA TYR A 337 -8.88 -6.14 -27.50
C TYR A 337 -8.71 -7.51 -26.89
N CYS A 338 -7.98 -7.55 -25.80
CA CYS A 338 -7.66 -8.79 -25.13
C CYS A 338 -8.97 -9.49 -24.80
N ALA A 339 -9.95 -8.70 -24.35
CA ALA A 339 -11.21 -9.26 -23.92
C ALA A 339 -12.10 -9.76 -25.05
N THR A 340 -11.96 -9.20 -26.26
CA THR A 340 -12.91 -9.45 -27.37
C THR A 340 -12.29 -10.11 -28.62
N ARG A 341 -10.99 -10.34 -28.63
CA ARG A 341 -10.34 -10.69 -29.89
C ARG A 341 -10.69 -12.04 -30.45
N ASP A 342 -10.98 -12.99 -29.56
CA ASP A 342 -11.41 -14.32 -29.94
C ASP A 342 -12.78 -14.25 -30.59
N PHE A 343 -13.67 -13.46 -30.00
CA PHE A 343 -15.01 -13.26 -30.54
C PHE A 343 -14.92 -12.58 -31.92
N LEU A 344 -14.11 -11.55 -32.04
CA LEU A 344 -13.96 -10.86 -33.30
C LEU A 344 -13.38 -11.77 -34.40
N ALA A 345 -12.54 -12.74 -34.02
CA ALA A 345 -11.98 -13.73 -34.96
C ALA A 345 -13.08 -14.71 -35.48
N THR A 346 -14.16 -14.83 -34.71
CA THR A 346 -15.39 -15.54 -35.05
C THR A 346 -16.02 -14.91 -36.29
N ASN A 347 -15.63 -13.67 -36.56
CA ASN A 347 -15.99 -12.95 -37.76
C ASN A 347 -17.50 -12.81 -37.90
N PRO A 348 -18.13 -12.28 -36.84
CA PRO A 348 -19.60 -12.26 -36.62
C PRO A 348 -20.32 -11.30 -37.56
N PRO A 349 -21.67 -11.37 -37.62
CA PRO A 349 -22.39 -10.52 -38.60
C PRO A 349 -22.18 -9.06 -38.31
N GLU A 350 -21.96 -8.29 -39.38
CA GLU A 350 -21.61 -6.88 -39.26
C GLU A 350 -22.71 -6.00 -38.63
N SER A 351 -23.95 -6.25 -38.97
CA SER A 351 -25.05 -5.49 -38.37
C SER A 351 -25.15 -5.70 -36.87
N SER A 352 -24.25 -6.50 -36.30
CA SER A 352 -24.21 -6.71 -34.84
C SER A 352 -23.24 -5.75 -34.10
N LEU A 353 -22.24 -5.28 -34.84
CA LEU A 353 -21.17 -4.50 -34.32
C LEU A 353 -21.46 -3.03 -34.57
N ASP A 354 -21.11 -2.22 -33.59
CA ASP A 354 -20.99 -0.79 -33.78
C ASP A 354 -19.62 -0.54 -34.36
N GLU A 355 -19.59 0.07 -35.53
CA GLU A 355 -18.31 0.28 -36.20
C GLU A 355 -17.36 1.15 -35.38
N THR A 356 -17.84 2.21 -34.73
CA THR A 356 -16.91 3.04 -33.97
C THR A 356 -16.17 2.23 -32.88
N VAL A 357 -16.95 1.48 -32.09
CA VAL A 357 -16.40 0.64 -31.06
C VAL A 357 -15.40 -0.33 -31.64
N VAL A 358 -15.80 -1.07 -32.66
CA VAL A 358 -14.92 -2.07 -33.24
C VAL A 358 -13.58 -1.45 -33.67
N ASN A 359 -13.67 -0.29 -34.32
CA ASN A 359 -12.54 0.46 -34.84
C ASN A 359 -11.60 0.87 -33.71
N ILE A 360 -12.17 1.48 -32.67
CA ILE A 360 -11.46 1.79 -31.47
C ILE A 360 -10.71 0.56 -30.96
N ILE A 361 -11.43 -0.55 -30.77
CA ILE A 361 -10.86 -1.73 -30.13
C ILE A 361 -9.75 -2.33 -30.97
N LYS A 362 -9.87 -2.22 -32.29
CA LYS A 362 -8.84 -2.78 -33.16
C LYS A 362 -7.57 -1.92 -33.21
N GLY A 363 -7.61 -0.73 -32.61
CA GLY A 363 -6.40 0.11 -32.47
C GLY A 363 -5.29 -0.65 -31.72
N ALA A 364 -5.71 -1.62 -30.89
CA ALA A 364 -4.79 -2.42 -30.13
C ALA A 364 -3.77 -3.16 -30.99
N VAL A 365 -4.20 -3.61 -32.17
CA VAL A 365 -3.35 -4.40 -33.05
C VAL A 365 -2.01 -3.70 -33.32
N LYS A 366 -2.01 -2.38 -33.35
CA LYS A 366 -0.77 -1.66 -33.68
C LYS A 366 0.28 -1.67 -32.55
N PHE A 367 -0.12 -2.11 -31.34
CA PHE A 367 0.76 -2.04 -30.15
C PHE A 367 1.35 -3.39 -29.75
N ASP A 368 2.66 -3.50 -29.61
CA ASP A 368 3.25 -4.78 -29.19
C ASP A 368 3.49 -4.79 -27.67
N ALA A 369 4.04 -5.91 -27.16
CA ALA A 369 4.23 -6.09 -25.72
C ALA A 369 5.17 -5.03 -25.19
N ALA A 370 6.25 -4.81 -25.92
CA ALA A 370 7.18 -3.73 -25.60
C ALA A 370 6.53 -2.36 -25.50
N ASP A 371 5.58 -2.03 -26.37
CA ASP A 371 4.90 -0.72 -26.28
C ASP A 371 4.02 -0.65 -25.01
N ALA A 372 3.42 -1.79 -24.66
CA ALA A 372 2.59 -1.85 -23.48
C ALA A 372 3.44 -1.41 -22.27
N PHE A 373 4.64 -1.96 -22.20
CA PHE A 373 5.54 -1.64 -21.13
C PHE A 373 6.01 -0.19 -21.19
N LYS A 374 6.39 0.26 -22.39
CA LYS A 374 6.87 1.62 -22.55
C LYS A 374 5.84 2.60 -22.01
N PHE A 375 4.57 2.35 -22.29
CA PHE A 375 3.52 3.25 -21.80
C PHE A 375 3.29 3.17 -20.30
N GLU A 376 3.38 1.94 -19.79
CA GLU A 376 3.27 1.68 -18.37
C GLU A 376 4.39 2.41 -17.62
N TYR A 377 5.62 2.36 -18.11
CA TYR A 377 6.69 3.18 -17.51
C TYR A 377 6.27 4.65 -17.37
N LYS A 378 5.66 5.19 -18.44
CA LYS A 378 5.19 6.56 -18.51
C LYS A 378 4.02 6.79 -17.51
N ARG A 379 3.08 5.85 -17.47
CA ARG A 379 2.05 5.88 -16.44
C ARG A 379 2.69 6.03 -15.01
N GLN A 380 3.64 5.17 -14.66
CA GLN A 380 4.24 5.29 -13.34
C GLN A 380 4.99 6.64 -13.09
N GLY A 381 5.77 7.11 -14.08
CA GLY A 381 6.35 8.47 -14.07
C GLY A 381 5.37 9.57 -13.70
N ILE A 382 4.21 9.56 -14.35
CA ILE A 382 3.23 10.58 -14.09
C ILE A 382 2.61 10.39 -12.73
N LEU A 383 2.38 9.14 -12.33
CA LEU A 383 1.89 8.85 -10.98
C LEU A 383 2.81 9.49 -9.90
N GLN A 384 4.13 9.38 -10.03
CA GLN A 384 5.02 10.09 -9.07
C GLN A 384 4.53 11.55 -8.93
N LYS A 385 4.33 12.27 -10.04
CA LYS A 385 3.94 13.68 -9.95
C LYS A 385 2.58 13.81 -9.28
N VAL A 386 1.62 13.02 -9.79
CA VAL A 386 0.30 12.95 -9.28
C VAL A 386 0.26 12.68 -7.77
N ASN A 387 1.02 11.70 -7.30
CA ASN A 387 1.07 11.49 -5.85
C ASN A 387 1.65 12.66 -5.06
N LEU A 388 2.62 13.40 -5.62
CA LEU A 388 3.10 14.61 -4.94
C LEU A 388 2.02 15.71 -4.81
N LEU A 389 1.21 15.87 -5.85
CA LEU A 389 0.14 16.86 -5.85
C LEU A 389 -0.93 16.57 -4.81
N LEU A 390 -1.30 15.31 -4.69
CA LEU A 390 -2.43 14.90 -3.86
C LEU A 390 -2.11 14.86 -2.38
N LYS A 391 -0.83 14.89 -2.04
CA LYS A 391 -0.42 14.75 -0.66
C LYS A 391 -0.98 15.94 0.12
N ASP A 392 -1.04 17.12 -0.50
CA ASP A 392 -1.54 18.35 0.12
C ASP A 392 -3.05 18.45 0.18
N ILE A 393 -3.75 17.59 -0.54
CA ILE A 393 -5.11 17.86 -0.90
C ILE A 393 -6.00 16.72 -0.47
N ASP A 394 -7.23 17.03 -0.09
CA ASP A 394 -8.19 16.01 0.34
C ASP A 394 -9.14 15.57 -0.76
N VAL A 395 -9.64 16.55 -1.51
CA VAL A 395 -10.68 16.34 -2.48
C VAL A 395 -10.50 17.23 -3.71
N LEU A 396 -10.81 16.65 -4.87
CA LEU A 396 -10.79 17.35 -6.14
C LEU A 396 -12.21 17.60 -6.46
N CYS A 397 -12.49 18.84 -6.86
CA CYS A 397 -13.82 19.18 -7.32
C CYS A 397 -13.66 19.54 -8.78
N VAL A 398 -14.48 18.90 -9.58
CA VAL A 398 -14.29 18.91 -11.01
C VAL A 398 -15.69 18.96 -11.63
N PRO A 399 -15.85 19.70 -12.74
CA PRO A 399 -17.12 19.53 -13.44
C PRO A 399 -17.29 18.04 -13.87
N THR A 400 -18.45 17.42 -13.68
CA THR A 400 -18.60 16.10 -14.21
C THR A 400 -18.29 16.00 -15.71
N CYS A 401 -18.85 16.91 -16.49
CA CYS A 401 -18.53 16.92 -17.92
C CYS A 401 -18.78 18.29 -18.42
N PRO A 402 -18.07 18.69 -19.47
CA PRO A 402 -18.22 19.99 -20.12
C PRO A 402 -19.62 20.16 -20.74
N LEU A 403 -20.10 19.13 -21.47
CA LEU A 403 -21.25 19.25 -22.39
C LEU A 403 -22.47 18.47 -21.99
N ASN A 404 -23.61 18.92 -22.49
CA ASN A 404 -24.84 18.15 -22.52
C ASN A 404 -25.17 17.91 -24.02
N PRO A 405 -24.51 16.93 -24.67
CA PRO A 405 -24.61 16.82 -26.12
C PRO A 405 -26.01 16.46 -26.61
N LYS A 406 -26.41 17.00 -27.79
CA LYS A 406 -27.67 16.60 -28.45
C LYS A 406 -27.40 15.32 -29.24
N LEU A 407 -28.43 14.51 -29.51
CA LEU A 407 -28.24 13.28 -30.31
C LEU A 407 -27.62 13.62 -31.64
N GLU A 408 -28.04 14.77 -32.15
CA GLU A 408 -27.60 15.34 -33.42
C GLU A 408 -26.08 15.63 -33.41
N GLU A 409 -25.60 16.32 -32.37
CA GLU A 409 -24.18 16.67 -32.25
C GLU A 409 -23.27 15.45 -32.25
N VAL A 410 -23.65 14.35 -31.62
CA VAL A 410 -22.74 13.22 -31.65
C VAL A 410 -22.81 12.39 -32.93
N ALA A 411 -23.94 12.41 -33.63
CA ALA A 411 -24.03 11.87 -34.99
C ALA A 411 -23.08 12.63 -35.96
N GLN A 412 -23.04 13.96 -35.85
CA GLN A 412 -22.11 14.82 -36.63
C GLN A 412 -20.65 14.72 -36.23
N GLU A 413 -20.39 14.36 -34.98
CA GLU A 413 -19.03 14.34 -34.42
C GLU A 413 -18.81 13.14 -33.51
N PRO A 414 -19.00 11.90 -34.03
CA PRO A 414 -19.08 10.72 -33.14
C PRO A 414 -17.88 10.50 -32.21
N VAL A 415 -16.86 11.33 -32.35
CA VAL A 415 -15.61 11.11 -31.65
C VAL A 415 -15.24 12.34 -30.82
N LEU A 416 -15.18 13.50 -31.47
CA LEU A 416 -14.82 14.75 -30.81
C LEU A 416 -15.66 14.99 -29.54
N VAL A 417 -16.97 14.83 -29.67
CA VAL A 417 -17.86 14.92 -28.50
C VAL A 417 -17.48 13.93 -27.39
N ASN A 418 -17.21 12.69 -27.78
CA ASN A 418 -16.80 11.67 -26.85
C ASN A 418 -15.55 12.07 -26.04
N SER A 419 -14.50 12.54 -26.71
CA SER A 419 -13.28 13.02 -26.03
C SER A 419 -13.57 14.12 -25.04
N ARG A 420 -14.33 15.12 -25.47
CA ARG A 420 -14.66 16.23 -24.62
C ARG A 420 -15.37 15.75 -23.32
N GLN A 421 -16.24 14.76 -23.44
CA GLN A 421 -16.98 14.29 -22.29
C GLN A 421 -16.06 13.52 -21.33
N GLY A 422 -14.87 13.19 -21.84
CA GLY A 422 -13.83 12.49 -21.09
C GLY A 422 -12.81 13.38 -20.36
N THR A 423 -12.96 14.71 -20.48
CA THR A 423 -11.99 15.66 -19.95
C THR A 423 -11.69 15.52 -18.44
N TRP A 424 -12.71 15.39 -17.60
CA TRP A 424 -12.56 15.31 -16.15
C TRP A 424 -12.58 13.93 -15.54
N THR A 425 -12.82 12.89 -16.35
CA THR A 425 -13.08 11.56 -15.81
C THR A 425 -11.94 10.60 -16.06
N ASN A 426 -11.14 10.83 -17.10
CA ASN A 426 -10.12 9.88 -17.54
C ASN A 426 -9.01 9.47 -16.57
N PHE A 427 -8.51 10.42 -15.77
CA PHE A 427 -7.43 10.10 -14.84
C PHE A 427 -7.85 9.35 -13.56
N VAL A 428 -9.12 9.37 -13.17
CA VAL A 428 -9.52 8.89 -11.83
C VAL A 428 -9.04 7.46 -11.55
N ASN A 429 -9.38 6.52 -12.44
CA ASN A 429 -8.98 5.14 -12.24
C ASN A 429 -7.50 4.87 -12.35
N LEU A 430 -6.82 5.54 -13.27
CA LEU A 430 -5.37 5.32 -13.39
C LEU A 430 -4.58 5.79 -12.13
N ALA A 431 -5.14 6.70 -11.36
CA ALA A 431 -4.48 7.22 -10.19
C ALA A 431 -4.98 6.54 -8.90
N ASP A 432 -5.88 5.57 -9.05
CA ASP A 432 -6.47 4.84 -7.93
C ASP A 432 -7.30 5.73 -6.95
N LEU A 433 -8.15 6.56 -7.51
CA LEU A 433 -9.02 7.44 -6.73
C LEU A 433 -10.50 6.92 -6.73
N ALA A 434 -11.29 7.47 -5.80
CA ALA A 434 -12.71 7.19 -5.64
C ALA A 434 -13.41 8.48 -6.05
N ALA A 435 -14.66 8.40 -6.47
CA ALA A 435 -15.32 9.57 -7.02
C ALA A 435 -16.81 9.46 -6.80
N LEU A 436 -17.45 10.61 -6.67
CA LEU A 436 -18.92 10.68 -6.50
C LEU A 436 -19.43 11.83 -7.39
N ALA A 437 -20.29 11.47 -8.34
CA ALA A 437 -20.90 12.44 -9.23
C ALA A 437 -22.25 12.83 -8.64
N VAL A 438 -22.42 14.12 -8.45
CA VAL A 438 -23.52 14.65 -7.65
C VAL A 438 -24.09 15.86 -8.41
N PRO A 439 -25.44 16.07 -8.41
CA PRO A 439 -26.12 17.13 -9.18
C PRO A 439 -25.76 18.51 -8.69
N SER A 440 -25.65 19.50 -9.59
CA SER A 440 -25.30 20.88 -9.17
C SER A 440 -26.33 21.97 -9.44
N GLY A 441 -27.47 21.57 -10.01
CA GLY A 441 -28.54 22.51 -10.34
C GLY A 441 -28.93 22.37 -11.79
N PHE A 442 -29.53 23.44 -12.34
CA PHE A 442 -30.09 23.41 -13.70
C PHE A 442 -29.72 24.58 -14.58
N ARG A 443 -29.36 24.28 -15.83
CA ARG A 443 -29.12 25.32 -16.86
C ARG A 443 -30.42 26.01 -17.28
N SER A 444 -30.32 27.15 -17.97
CA SER A 444 -31.50 27.87 -18.44
C SER A 444 -32.50 26.99 -19.18
N ASP A 445 -31.99 26.04 -19.93
CA ASP A 445 -32.84 25.29 -20.82
C ASP A 445 -33.52 24.13 -20.08
N GLY A 446 -33.32 24.09 -18.78
CA GLY A 446 -34.05 23.18 -17.89
C GLY A 446 -33.39 21.82 -17.72
N LEU A 447 -32.18 21.67 -18.24
CA LEU A 447 -31.38 20.45 -18.18
C LEU A 447 -30.37 20.44 -17.03
N PRO A 448 -30.12 19.26 -16.40
CA PRO A 448 -29.22 19.13 -15.25
C PRO A 448 -27.75 19.06 -15.61
N ASN A 449 -26.89 19.58 -14.73
CA ASN A 449 -25.47 19.16 -14.71
C ASN A 449 -24.95 19.04 -13.29
N GLY A 450 -23.68 18.71 -13.13
CA GLY A 450 -23.14 18.47 -11.80
C GLY A 450 -21.64 18.47 -11.64
N ILE A 451 -21.21 18.12 -10.44
CA ILE A 451 -19.77 18.09 -10.15
C ILE A 451 -19.47 16.68 -9.72
N THR A 452 -18.23 16.25 -9.94
CA THR A 452 -17.81 15.05 -9.27
C THR A 452 -16.73 15.35 -8.19
N LEU A 453 -16.95 14.82 -7.00
CA LEU A 453 -16.00 14.96 -5.90
C LEU A 453 -15.08 13.78 -5.96
N ILE A 454 -13.79 14.00 -6.05
CA ILE A 454 -12.83 12.92 -6.18
C ILE A 454 -11.96 12.85 -4.94
N GLY A 455 -11.90 11.66 -4.30
CA GLY A 455 -11.11 11.47 -3.07
C GLY A 455 -10.06 10.38 -3.21
N LYS A 456 -9.16 10.27 -2.25
CA LYS A 456 -8.16 9.17 -2.33
C LYS A 456 -8.83 7.84 -2.07
N LYS A 457 -8.11 6.77 -2.29
CA LYS A 457 -8.76 5.46 -2.12
C LYS A 457 -9.38 5.26 -0.69
N PHE A 458 -10.46 4.51 -0.61
CA PHE A 458 -11.16 4.26 0.66
C PHE A 458 -11.89 5.47 1.26
N SER A 459 -12.03 6.55 0.50
CA SER A 459 -12.71 7.74 1.04
C SER A 459 -14.21 7.82 0.79
N ASP A 460 -14.77 6.73 0.24
CA ASP A 460 -16.15 6.67 -0.32
C ASP A 460 -17.26 7.09 0.63
N TYR A 461 -17.18 6.69 1.89
CA TYR A 461 -18.17 7.17 2.86
C TYR A 461 -17.97 8.67 3.09
N ALA A 462 -16.74 9.13 3.02
CA ALA A 462 -16.49 10.53 3.29
C ALA A 462 -16.96 11.38 2.11
N LEU A 463 -16.91 10.81 0.90
CA LEU A 463 -17.43 11.53 -0.29
C LEU A 463 -18.93 11.70 -0.16
N LEU A 464 -19.63 10.61 0.17
CA LEU A 464 -21.03 10.71 0.48
C LEU A 464 -21.27 11.84 1.47
N ASP A 465 -20.54 11.83 2.56
CA ASP A 465 -20.77 12.80 3.62
C ASP A 465 -20.57 14.22 3.11
N LEU A 466 -19.53 14.41 2.35
CA LEU A 466 -19.26 15.76 1.83
C LEU A 466 -20.35 16.24 0.88
N ALA A 467 -20.96 15.33 0.14
CA ALA A 467 -22.05 15.68 -0.78
C ALA A 467 -23.29 16.15 -0.02
N LYS A 468 -23.57 15.49 1.10
CA LYS A 468 -24.71 15.91 1.93
C LYS A 468 -24.48 17.33 2.44
N ARG A 469 -23.21 17.68 2.61
CA ARG A 469 -22.81 18.93 3.21
C ARG A 469 -22.86 20.03 2.14
N PHE A 470 -22.45 19.69 0.92
CA PHE A 470 -22.67 20.53 -0.28
C PHE A 470 -24.15 20.69 -0.58
N PHE A 471 -24.96 19.63 -0.47
CA PHE A 471 -26.41 19.81 -0.71
C PHE A 471 -27.10 20.80 0.22
N SER A 472 -26.72 20.78 1.48
CA SER A 472 -27.36 21.63 2.47
C SER A 472 -27.06 23.09 2.15
N VAL A 473 -25.95 23.34 1.47
CA VAL A 473 -25.68 24.71 1.02
C VAL A 473 -26.33 25.04 -0.31
N ALA A 474 -26.21 24.15 -1.30
CA ALA A 474 -26.50 24.50 -2.69
C ALA A 474 -27.96 24.32 -3.09
N PHE A 475 -28.68 23.60 -2.25
CA PHE A 475 -30.10 23.42 -2.36
C PHE A 475 -30.67 23.60 -0.98
N PRO A 476 -30.70 24.85 -0.49
CA PRO A 476 -30.98 24.98 0.94
C PRO A 476 -32.38 24.56 1.35
N ASN A 477 -32.58 24.45 2.66
CA ASN A 477 -33.82 23.93 3.18
C ASN A 477 -33.98 22.55 2.61
N ASN A 478 -35.08 22.25 1.97
CA ASN A 478 -35.09 20.96 1.32
C ASN A 478 -35.46 21.13 -0.13
N SER A 479 -34.63 21.83 -0.88
CA SER A 479 -35.05 22.18 -2.22
C SER A 479 -34.44 21.27 -3.30
N ARG A 480 -33.60 20.34 -2.91
CA ARG A 480 -32.98 19.49 -3.87
C ARG A 480 -34.00 18.61 -4.60
N THR A 481 -33.78 18.51 -5.90
CA THR A 481 -34.59 17.81 -6.87
C THR A 481 -33.99 16.44 -7.18
N TYR A 482 -34.77 15.52 -7.77
CA TYR A 482 -34.13 14.26 -8.11
C TYR A 482 -34.60 13.59 -9.38
N GLY A 483 -33.64 13.10 -10.16
CA GLY A 483 -33.95 12.49 -11.45
C GLY A 483 -34.76 13.48 -12.29
N LYS A 484 -35.78 12.96 -13.01
CA LYS A 484 -36.68 13.83 -13.78
C LYS A 484 -37.67 14.63 -12.90
N PHE A 485 -37.74 14.29 -11.62
CA PHE A 485 -38.83 14.79 -10.79
C PHE A 485 -38.57 16.21 -10.30
N VAL A 486 -38.43 17.14 -11.23
CA VAL A 486 -38.05 18.53 -10.97
C VAL A 486 -39.04 19.18 -10.01
N ASP A 487 -40.21 18.56 -9.82
CA ASP A 487 -41.25 19.12 -8.96
C ASP A 487 -41.33 18.49 -7.56
N ARG A 488 -40.38 17.61 -7.23
CA ARG A 488 -40.33 17.04 -5.90
C ARG A 488 -39.04 17.43 -5.13
N ARG A 489 -39.05 17.11 -3.85
CA ARG A 489 -38.02 17.55 -2.92
C ARG A 489 -37.58 16.41 -1.97
N ILE A 490 -36.27 16.12 -1.97
CA ILE A 490 -35.60 15.41 -0.90
C ILE A 490 -35.77 16.15 0.44
N THR A 491 -36.32 15.44 1.44
CA THR A 491 -36.27 15.93 2.84
C THR A 491 -35.20 15.23 3.70
N VAL A 492 -35.07 13.93 3.47
CA VAL A 492 -34.69 12.99 4.49
C VAL A 492 -33.89 11.88 3.82
N GLU A 493 -34.08 11.79 2.50
CA GLU A 493 -33.46 10.74 1.67
C GLU A 493 -32.01 11.06 1.33
N ASP A 494 -31.51 12.23 1.70
CA ASP A 494 -30.05 12.48 1.62
C ASP A 494 -29.25 12.22 2.91
N GLU A 495 -29.93 11.71 3.94
CA GLU A 495 -29.31 11.34 5.22
C GLU A 495 -28.46 10.09 5.12
N LEU A 496 -27.40 10.04 5.93
CA LEU A 496 -26.45 8.92 5.88
C LEU A 496 -26.31 8.20 7.21
N ASP A 497 -26.24 6.88 7.16
CA ASP A 497 -25.88 6.02 8.31
C ASP A 497 -24.44 6.26 8.75
N GLY A 498 -23.58 6.51 7.75
CA GLY A 498 -22.13 6.44 7.90
C GLY A 498 -21.73 4.98 7.92
N PRO A 499 -20.41 4.69 8.03
CA PRO A 499 -19.98 3.28 8.09
C PRO A 499 -20.54 2.47 9.29
N SER A 500 -20.80 1.20 9.03
CA SER A 500 -21.35 0.30 10.02
C SER A 500 -20.31 -0.17 11.04
N LYS A 501 -20.81 -0.57 12.20
CA LYS A 501 -20.00 -1.03 13.33
C LYS A 501 -19.06 -2.20 12.97
N ASP A 502 -19.51 -3.12 12.11
CA ASP A 502 -18.71 -4.16 11.42
C ASP A 502 -17.32 -3.72 11.00
N THR A 503 -17.16 -2.42 10.75
CA THR A 503 -15.93 -1.89 10.14
C THR A 503 -14.94 -1.29 11.13
N LEU A 504 -15.38 -1.04 12.37
CA LEU A 504 -14.50 -0.56 13.43
C LEU A 504 -13.54 -1.66 13.86
N ASN A 505 -12.34 -1.24 14.21
CA ASN A 505 -11.35 -2.06 14.90
C ASN A 505 -10.48 -1.09 15.69
N GLY A 506 -11.08 -0.57 16.75
CA GLY A 506 -10.42 0.40 17.63
C GLY A 506 -10.39 0.00 19.11
N VAL A 507 -9.93 0.94 19.93
CA VAL A 507 -9.83 0.77 21.36
C VAL A 507 -11.10 1.41 21.96
N LYS A 508 -11.90 0.63 22.71
CA LYS A 508 -13.06 1.17 23.42
C LYS A 508 -12.48 2.04 24.50
N LEU A 509 -12.53 3.35 24.26
CA LEU A 509 -12.05 4.38 25.17
C LEU A 509 -13.16 5.30 25.70
N ALA A 510 -13.20 5.52 27.01
CA ALA A 510 -14.21 6.38 27.63
C ALA A 510 -13.65 7.73 27.98
N VAL A 511 -14.39 8.80 27.74
CA VAL A 511 -13.90 10.13 28.12
C VAL A 511 -14.85 10.74 29.14
N VAL A 512 -14.43 11.83 29.77
CA VAL A 512 -15.27 12.38 30.84
C VAL A 512 -15.27 13.89 30.91
N GLY A 513 -14.31 14.51 30.21
CA GLY A 513 -14.05 15.93 30.40
C GLY A 513 -14.09 16.74 29.13
N ALA A 514 -13.03 17.49 28.88
CA ALA A 514 -12.92 18.34 27.71
C ALA A 514 -13.21 17.63 26.35
N HIS A 515 -13.16 16.29 26.33
CA HIS A 515 -13.39 15.49 25.11
C HIS A 515 -14.83 15.10 24.79
N LEU A 516 -15.76 15.45 25.65
CA LEU A 516 -17.15 15.17 25.38
C LEU A 516 -17.71 16.13 24.32
N LYS A 517 -18.64 15.61 23.50
CA LYS A 517 -19.41 16.41 22.52
C LYS A 517 -19.60 17.89 22.95
N GLY A 518 -19.15 18.83 22.13
CA GLY A 518 -19.32 20.25 22.44
C GLY A 518 -18.24 20.91 23.30
N LEU A 519 -17.57 20.14 24.14
CA LEU A 519 -16.55 20.73 25.01
C LEU A 519 -15.29 21.00 24.20
N PRO A 520 -14.46 21.93 24.68
CA PRO A 520 -13.33 22.50 23.91
C PRO A 520 -12.40 21.54 23.16
N LEU A 521 -12.28 20.30 23.61
CA LEU A 521 -11.30 19.37 23.01
C LEU A 521 -11.89 18.14 22.29
N HIS A 522 -13.21 18.13 22.05
CA HIS A 522 -13.84 17.06 21.27
C HIS A 522 -13.26 16.90 19.87
N TRP A 523 -12.62 17.95 19.32
CA TRP A 523 -11.96 17.86 18.01
C TRP A 523 -10.83 16.89 18.02
N GLN A 524 -10.17 16.77 19.17
CA GLN A 524 -9.05 15.87 19.29
C GLN A 524 -9.51 14.45 19.02
N LEU A 525 -10.76 14.12 19.33
CA LEU A 525 -11.34 12.83 18.91
C LEU A 525 -11.61 12.70 17.39
N GLN A 526 -11.99 13.80 16.73
CA GLN A 526 -12.36 13.78 15.29
C GLN A 526 -11.12 13.70 14.40
N LYS A 527 -10.11 14.48 14.75
CA LYS A 527 -8.83 14.39 14.13
C LYS A 527 -8.25 12.96 14.17
N CYS A 528 -8.77 12.09 15.04
CA CYS A 528 -8.30 10.71 15.10
C CYS A 528 -9.36 9.71 14.59
N ASN A 529 -10.26 10.21 13.74
CA ASN A 529 -11.47 9.52 13.32
C ASN A 529 -12.04 8.53 14.37
N ALA A 530 -12.16 9.07 15.60
CA ALA A 530 -12.93 8.44 16.66
C ALA A 530 -14.43 8.34 16.27
N THR A 531 -15.03 7.18 16.52
CA THR A 531 -16.44 6.92 16.31
C THR A 531 -17.15 6.70 17.63
N TYR A 532 -18.24 7.44 17.82
CA TYR A 532 -19.11 7.32 18.98
C TYR A 532 -19.73 5.93 19.13
N LEU A 533 -19.87 5.48 20.37
CA LEU A 533 -20.41 4.16 20.69
C LEU A 533 -21.59 4.22 21.64
N SER A 534 -21.45 5.01 22.71
CA SER A 534 -22.48 5.18 23.75
C SER A 534 -22.06 6.12 24.88
N SER A 535 -23.05 6.44 25.73
CA SER A 535 -22.93 7.40 26.84
C SER A 535 -23.18 6.75 28.24
N PRO A 536 -22.43 5.67 28.60
CA PRO A 536 -22.80 5.04 29.85
C PRO A 536 -22.19 5.76 31.07
N LYS A 537 -22.48 5.26 32.26
CA LYS A 537 -21.93 5.86 33.48
C LYS A 537 -20.97 4.85 34.06
N THR A 538 -20.01 5.32 34.85
CA THR A 538 -19.09 4.40 35.55
C THR A 538 -19.88 3.63 36.59
N SER A 539 -19.34 2.51 37.06
CA SER A 539 -19.94 1.81 38.19
C SER A 539 -19.77 2.61 39.50
N ASN A 540 -20.30 2.06 40.57
CA ASN A 540 -20.30 2.68 41.88
C ASN A 540 -18.91 2.55 42.49
N ASN A 541 -18.01 3.49 42.17
CA ASN A 541 -16.61 3.43 42.60
C ASN A 541 -15.83 4.75 42.43
N TYR A 542 -16.50 5.82 42.01
CA TYR A 542 -15.75 6.94 41.44
C TYR A 542 -15.95 8.36 41.99
N LYS A 543 -14.94 9.19 41.83
CA LYS A 543 -15.03 10.59 42.26
C LYS A 543 -14.47 11.49 41.20
N LEU A 544 -15.02 12.68 41.04
CA LEU A 544 -14.54 13.61 40.03
C LEU A 544 -14.13 14.96 40.59
N TYR A 545 -13.19 15.64 39.92
CA TYR A 545 -12.57 16.86 40.44
C TYR A 545 -12.26 17.84 39.31
N ALA A 546 -12.47 19.12 39.55
CA ALA A 546 -11.93 20.14 38.67
C ALA A 546 -10.52 20.39 39.16
N LEU A 547 -9.56 20.34 38.26
CA LEU A 547 -8.20 20.64 38.62
C LEU A 547 -8.00 22.12 38.41
N PRO A 548 -6.99 22.70 39.09
CA PRO A 548 -6.66 24.13 38.95
C PRO A 548 -6.35 24.59 37.51
N LYS A 549 -7.18 25.49 36.97
CA LYS A 549 -7.07 25.97 35.59
C LYS A 549 -5.66 26.50 35.28
N VAL A 550 -4.87 25.71 34.56
CA VAL A 550 -3.56 26.20 34.08
C VAL A 550 -3.71 26.79 32.68
N GLY A 551 -4.03 25.95 31.69
CA GLY A 551 -4.36 26.43 30.35
C GLY A 551 -5.74 27.11 30.28
N PRO A 552 -6.19 27.48 29.06
CA PRO A 552 -7.48 28.15 28.95
C PRO A 552 -8.69 27.19 28.96
N VAL A 553 -8.43 25.89 29.10
CA VAL A 553 -9.52 24.91 29.21
C VAL A 553 -9.51 24.35 30.62
N LEU A 554 -10.71 24.19 31.18
CA LEU A 554 -10.84 23.46 32.43
C LEU A 554 -11.15 22.00 32.16
N LYS A 555 -10.49 21.15 32.93
CA LYS A 555 -10.49 19.71 32.74
C LYS A 555 -10.79 19.01 34.07
N PRO A 556 -11.49 17.87 34.01
CA PRO A 556 -11.80 17.08 35.19
C PRO A 556 -10.65 16.15 35.62
N GLY A 557 -10.99 14.93 36.00
CA GLY A 557 -10.03 14.00 36.56
C GLY A 557 -10.73 12.97 37.44
N LEU A 558 -10.98 11.79 36.87
CA LEU A 558 -11.63 10.68 37.53
C LEU A 558 -10.70 10.08 38.54
N ARG A 559 -11.27 9.30 39.45
CA ARG A 559 -10.52 8.69 40.55
C ARG A 559 -11.31 7.51 41.09
N ARG A 560 -10.75 6.32 40.89
CA ARG A 560 -11.25 5.14 41.57
C ARG A 560 -10.66 5.11 42.97
N VAL A 561 -11.57 5.17 43.93
CA VAL A 561 -11.24 5.06 45.32
C VAL A 561 -12.29 4.14 45.92
N ASN A 562 -11.85 3.07 46.57
CA ASN A 562 -12.75 2.13 47.25
C ASN A 562 -12.64 2.12 48.79
N ASP A 563 -13.06 3.24 49.37
CA ASP A 563 -13.68 3.26 50.68
C ASP A 563 -15.19 3.51 50.47
N GLY A 564 -15.81 2.68 49.62
CA GLY A 564 -17.25 2.75 49.28
C GLY A 564 -17.82 4.11 48.88
N THR A 565 -17.14 5.19 49.26
CA THR A 565 -17.63 6.59 49.11
C THR A 565 -17.73 7.12 47.67
N GLY A 566 -17.71 6.22 46.69
CA GLY A 566 -17.80 6.65 45.29
C GLY A 566 -19.12 6.35 44.60
N SER A 567 -19.68 7.38 43.95
CA SER A 567 -20.87 7.25 43.09
C SER A 567 -20.52 6.86 41.62
N GLN A 568 -21.27 7.39 40.67
CA GLN A 568 -21.06 7.09 39.26
C GLN A 568 -20.89 8.37 38.46
N ILE A 569 -19.89 8.42 37.56
CA ILE A 569 -19.75 9.60 36.71
C ILE A 569 -20.18 9.33 35.25
N GLN A 570 -20.79 10.35 34.65
CA GLN A 570 -21.28 10.32 33.27
C GLN A 570 -20.12 10.27 32.27
N LEU A 571 -20.08 9.17 31.51
CA LEU A 571 -19.06 8.92 30.47
C LEU A 571 -19.58 9.03 29.02
N GLU A 572 -18.67 9.37 28.09
CA GLU A 572 -18.87 9.14 26.65
C GLU A 572 -17.80 8.20 26.12
N VAL A 573 -18.23 7.07 25.54
CA VAL A 573 -17.32 6.05 24.99
C VAL A 573 -17.17 6.17 23.47
N TYR A 574 -15.93 6.14 23.00
CA TYR A 574 -15.57 6.20 21.57
C TYR A 574 -14.59 5.08 21.18
N SER A 575 -14.81 4.47 20.03
CA SER A 575 -13.80 3.62 19.37
C SER A 575 -12.74 4.54 18.74
N VAL A 576 -11.48 4.34 19.09
CA VAL A 576 -10.36 5.08 18.51
C VAL A 576 -9.56 4.02 17.75
N PRO A 577 -9.37 4.25 16.43
CA PRO A 577 -8.72 3.23 15.61
C PRO A 577 -7.33 3.00 16.15
N TYR A 578 -6.92 1.73 16.15
CA TYR A 578 -5.65 1.31 16.72
C TYR A 578 -4.50 2.10 16.17
N ASP A 579 -4.30 2.08 14.86
CA ASP A 579 -3.22 2.90 14.27
C ASP A 579 -3.29 4.41 14.60
N ARG A 580 -4.37 4.85 15.24
CA ARG A 580 -4.49 6.27 15.50
C ARG A 580 -4.28 6.71 16.94
N PHE A 581 -4.35 5.75 17.87
CA PHE A 581 -4.33 6.03 19.27
C PHE A 581 -3.09 6.78 19.80
N GLY A 582 -1.92 6.41 19.28
CA GLY A 582 -0.73 7.19 19.43
C GLY A 582 -0.93 8.66 19.12
N ASP A 583 -1.43 8.99 17.91
CA ASP A 583 -1.67 10.40 17.53
C ASP A 583 -2.38 11.11 18.66
N PHE A 584 -3.37 10.43 19.24
CA PHE A 584 -4.23 10.97 20.27
C PHE A 584 -3.57 11.11 21.65
N ILE A 585 -2.88 10.06 22.09
CA ILE A 585 -2.27 10.08 23.41
C ILE A 585 -1.13 11.07 23.45
N ALA A 586 -0.59 11.39 22.28
CA ALA A 586 0.41 12.45 22.22
C ALA A 586 -0.17 13.80 22.70
N MET A 587 -1.47 13.98 22.57
CA MET A 587 -2.09 15.26 22.94
C MET A 587 -2.42 15.38 24.44
N VAL A 588 -2.50 14.24 25.12
CA VAL A 588 -2.81 14.13 26.56
C VAL A 588 -1.63 14.52 27.46
N PRO A 589 -1.72 15.66 28.18
CA PRO A 589 -0.58 16.01 29.04
C PRO A 589 -0.79 15.66 30.53
N GLU A 590 0.29 15.76 31.29
CA GLU A 590 0.20 15.72 32.75
C GLU A 590 -1.01 16.54 33.33
N PRO A 591 -1.67 16.01 34.37
CA PRO A 591 -1.51 14.76 35.08
C PRO A 591 -2.59 13.74 34.67
N LEU A 592 -3.25 13.97 33.54
CA LEU A 592 -4.17 12.98 32.98
C LEU A 592 -3.39 11.82 32.37
N GLY A 593 -4.08 10.74 32.08
CA GLY A 593 -3.42 9.63 31.44
C GLY A 593 -4.51 8.71 30.93
N ILE A 594 -4.10 7.61 30.30
CA ILE A 594 -5.07 6.61 29.88
C ILE A 594 -4.84 5.27 30.59
N GLY A 595 -5.77 4.97 31.50
CA GLY A 595 -5.85 3.68 32.17
C GLY A 595 -7.17 3.00 31.84
N SER A 596 -7.83 2.47 32.87
CA SER A 596 -9.07 1.72 32.69
C SER A 596 -10.08 2.00 33.79
N VAL A 597 -11.29 2.30 33.35
CA VAL A 597 -12.35 2.63 34.24
C VAL A 597 -13.42 1.53 34.03
N GLU A 598 -14.02 1.12 35.14
CA GLU A 598 -15.12 0.15 35.17
C GLU A 598 -16.47 0.84 34.97
N LEU A 599 -17.31 0.23 34.14
CA LEU A 599 -18.60 0.81 33.80
C LEU A 599 -19.69 0.25 34.70
N GLU A 600 -20.74 1.03 34.91
CA GLU A 600 -22.01 0.54 35.46
C GLU A 600 -22.32 -0.89 34.98
N SER A 601 -21.78 -1.25 33.83
CA SER A 601 -21.99 -2.56 33.24
C SER A 601 -21.16 -3.69 33.89
N GLY A 602 -20.21 -3.32 34.74
CA GLY A 602 -19.16 -4.26 35.13
C GLY A 602 -18.02 -4.46 34.11
N GLU A 603 -18.22 -3.98 32.88
CA GLU A 603 -17.19 -4.07 31.83
C GLU A 603 -16.14 -3.04 32.15
N TRP A 604 -14.91 -3.37 31.77
CA TRP A 604 -13.77 -2.47 31.87
C TRP A 604 -13.37 -1.99 30.50
N VAL A 605 -12.88 -0.75 30.42
CA VAL A 605 -12.68 -0.07 29.16
C VAL A 605 -11.62 1.02 29.27
N LYS A 606 -10.77 1.17 28.25
CA LYS A 606 -9.70 2.18 28.30
C LYS A 606 -10.31 3.54 28.53
N SER A 607 -9.59 4.43 29.21
CA SER A 607 -10.23 5.66 29.68
C SER A 607 -9.28 6.66 30.27
N PHE A 608 -9.80 7.88 30.41
CA PHE A 608 -9.06 8.93 31.06
C PHE A 608 -9.06 8.74 32.54
N ILE A 609 -7.86 8.73 33.10
CA ILE A 609 -7.61 8.62 34.52
C ILE A 609 -6.73 9.81 34.91
N CYS A 610 -6.31 9.84 36.18
CA CYS A 610 -5.54 10.95 36.70
C CYS A 610 -4.56 10.54 37.78
N GLU A 611 -3.29 10.90 37.62
CA GLU A 611 -2.28 10.80 38.69
C GLU A 611 -2.87 11.43 39.95
N GLU A 612 -2.59 10.81 41.10
CA GLU A 612 -3.12 11.29 42.38
C GLU A 612 -2.75 12.77 42.58
N PHE A 613 -1.50 13.09 42.22
CA PHE A 613 -0.98 14.43 42.26
C PHE A 613 -1.94 15.49 41.72
N GLY A 614 -2.57 15.23 40.58
CA GLY A 614 -3.39 16.23 39.92
C GLY A 614 -4.54 16.77 40.75
N TYR A 615 -5.35 15.85 41.24
CA TYR A 615 -6.48 16.19 42.09
C TYR A 615 -6.11 16.45 43.55
N THR A 616 -4.83 16.66 43.81
CA THR A 616 -4.35 16.87 45.16
C THR A 616 -3.95 18.34 45.40
N GLN A 617 -3.67 19.06 44.31
CA GLN A 617 -3.21 20.44 44.35
C GLN A 617 -4.22 21.41 44.99
N GLN A 618 -3.70 22.53 45.50
CA GLN A 618 -4.55 23.67 45.86
C GLN A 618 -5.52 23.94 44.74
N GLY A 619 -6.77 24.19 45.12
CA GLY A 619 -7.80 24.57 44.17
C GLY A 619 -8.40 23.40 43.41
N THR A 620 -8.28 22.20 43.97
CA THR A 620 -9.03 21.08 43.44
C THR A 620 -10.44 21.04 44.04
N VAL A 621 -11.42 21.29 43.19
CA VAL A 621 -12.81 21.28 43.61
C VAL A 621 -13.31 19.86 43.41
N ASP A 622 -13.83 19.23 44.47
CA ASP A 622 -14.56 17.96 44.31
C ASP A 622 -15.81 18.23 43.51
N ILE A 623 -16.07 17.39 42.50
CA ILE A 623 -17.19 17.64 41.59
C ILE A 623 -18.14 16.43 41.37
N THR A 624 -17.95 15.40 42.20
CA THR A 624 -18.80 14.19 42.18
C THR A 624 -20.27 14.49 42.37
N LYS A 625 -20.53 15.52 43.17
CA LYS A 625 -21.86 16.08 43.38
C LYS A 625 -22.59 16.15 42.02
N PHE A 626 -22.01 16.89 41.08
CA PHE A 626 -22.67 17.22 39.82
C PHE A 626 -22.87 16.10 38.77
N GLY A 627 -22.70 14.83 39.14
CA GLY A 627 -22.93 13.71 38.20
C GLY A 627 -21.91 13.45 37.07
N GLY A 628 -21.57 14.50 36.32
CA GLY A 628 -20.54 14.43 35.26
C GLY A 628 -19.81 15.77 35.16
N PHE A 629 -19.07 16.01 34.09
CA PHE A 629 -18.36 17.30 33.94
C PHE A 629 -19.29 18.34 33.39
N LYS A 630 -20.27 17.88 32.61
CA LYS A 630 -21.22 18.73 31.88
C LYS A 630 -21.85 19.81 32.77
N PRO A 631 -22.68 19.39 33.77
CA PRO A 631 -23.33 20.40 34.57
C PRO A 631 -22.33 21.43 35.04
N TYR A 632 -21.26 20.98 35.70
CA TYR A 632 -20.32 21.87 36.37
C TYR A 632 -19.77 23.05 35.55
N ILE A 633 -19.33 22.79 34.33
CA ILE A 633 -18.69 23.85 33.52
C ILE A 633 -19.71 24.86 32.92
N GLU A 634 -20.88 24.98 33.53
CA GLU A 634 -21.89 25.95 33.06
C GLU A 634 -22.57 26.75 34.18
N HIS A 635 -21.96 26.81 35.36
CA HIS A 635 -22.61 27.44 36.51
C HIS A 635 -21.71 28.44 37.25
N ILE A 636 -20.42 28.41 36.93
CA ILE A 636 -19.60 29.64 36.91
C ILE A 636 -19.39 29.93 35.41
N GLN A 637 -20.52 30.06 34.72
CA GLN A 637 -20.60 30.44 33.31
C GLN A 637 -21.83 31.31 33.09
N MET B 24 52.49 -2.21 1.65
CA MET B 24 52.94 -1.78 3.03
C MET B 24 52.43 -2.79 4.05
N GLU B 25 51.12 -2.84 4.19
CA GLU B 25 50.43 -4.07 4.60
C GLU B 25 49.60 -4.45 3.36
N SER B 26 49.00 -5.65 3.34
CA SER B 26 48.13 -6.02 2.21
C SER B 26 46.65 -5.59 2.37
N THR B 27 46.14 -4.89 1.37
CA THR B 27 44.73 -4.50 1.30
C THR B 27 43.75 -5.65 1.06
N LEU B 28 44.23 -6.76 0.50
CA LEU B 28 43.34 -7.85 0.14
C LEU B 28 42.54 -8.41 1.34
N GLY B 29 41.25 -8.10 1.37
CA GLY B 29 40.37 -8.69 2.37
C GLY B 29 40.02 -7.70 3.46
N TRP B 30 40.27 -6.43 3.19
CA TRP B 30 39.96 -5.36 4.12
C TRP B 30 38.52 -5.03 4.15
N SER B 31 38.03 -4.85 5.36
CA SER B 31 36.70 -4.35 5.56
C SER B 31 36.65 -2.86 5.20
N VAL B 32 35.43 -2.33 5.13
CA VAL B 32 35.21 -0.92 5.10
C VAL B 32 35.98 -0.25 6.26
N GLN B 33 36.07 -0.94 7.42
CA GLN B 33 36.56 -0.29 8.63
C GLN B 33 38.06 -0.24 8.68
N ASP B 34 38.66 -1.32 8.15
CA ASP B 34 40.06 -1.37 7.74
C ASP B 34 40.41 -0.17 6.86
N TRP B 35 39.62 0.05 5.82
CA TRP B 35 39.91 1.19 4.96
C TRP B 35 39.84 2.47 5.69
N LEU B 36 38.81 2.63 6.52
CA LEU B 36 38.62 3.85 7.28
C LEU B 36 39.68 4.14 8.35
N SER B 37 40.17 3.10 9.02
CA SER B 37 41.07 3.33 10.12
C SER B 37 42.47 3.56 9.61
N PHE B 38 42.78 3.01 8.44
CA PHE B 38 44.01 3.39 7.78
C PHE B 38 43.95 4.89 7.46
N HIS B 39 42.93 5.34 6.74
CA HIS B 39 42.84 6.78 6.40
C HIS B 39 42.87 7.72 7.56
N SER B 40 42.35 7.30 8.71
CA SER B 40 42.30 8.14 9.89
C SER B 40 43.67 8.21 10.55
N LYS B 41 44.50 7.19 10.35
CA LYS B 41 45.85 7.18 10.93
C LYS B 41 46.92 7.55 9.89
N SER B 42 46.51 7.95 8.68
CA SER B 42 47.47 8.28 7.62
C SER B 42 47.31 9.66 7.03
N THR B 43 48.32 10.07 6.28
CA THR B 43 48.30 11.34 5.55
C THR B 43 47.51 11.11 4.28
N PRO B 44 46.85 12.18 3.76
CA PRO B 44 46.18 12.11 2.46
C PRO B 44 47.09 11.49 1.38
N THR B 45 48.34 11.93 1.35
CA THR B 45 49.27 11.44 0.36
C THR B 45 49.41 9.93 0.43
N LYS B 46 49.58 9.41 1.66
CA LYS B 46 49.84 7.97 1.84
C LYS B 46 48.66 7.12 1.47
N SER B 47 47.47 7.59 1.83
CA SER B 47 46.17 7.01 1.42
C SER B 47 46.14 6.89 -0.09
N LEU B 48 46.21 8.04 -0.78
CA LEU B 48 46.27 8.08 -2.24
C LEU B 48 47.23 7.05 -2.81
N GLU B 49 48.43 6.96 -2.25
CA GLU B 49 49.37 5.93 -2.66
C GLU B 49 48.74 4.54 -2.59
N LEU B 50 48.10 4.23 -1.47
CA LEU B 50 47.46 2.94 -1.31
C LEU B 50 46.35 2.72 -2.36
N LEU B 51 45.54 3.75 -2.62
CA LEU B 51 44.54 3.65 -3.65
C LEU B 51 45.18 3.45 -5.01
N GLU B 52 46.17 4.30 -5.37
CA GLU B 52 46.98 4.08 -6.60
C GLU B 52 47.58 2.70 -6.73
N ASN B 53 48.05 2.12 -5.63
CA ASN B 53 48.79 0.88 -5.72
C ASN B 53 47.79 -0.17 -6.08
N LEU B 54 46.73 -0.19 -5.27
CA LEU B 54 45.58 -1.03 -5.50
C LEU B 54 45.14 -0.97 -6.96
N LEU B 55 44.87 0.25 -7.44
CA LEU B 55 44.45 0.47 -8.80
C LEU B 55 45.37 -0.20 -9.80
N LYS B 56 46.68 0.04 -9.63
CA LYS B 56 47.70 -0.48 -10.52
C LYS B 56 47.75 -2.00 -10.57
N SER B 57 47.50 -2.67 -9.45
CA SER B 57 47.60 -4.13 -9.37
C SER B 57 46.50 -4.86 -10.14
N GLN B 58 45.55 -4.10 -10.68
CA GLN B 58 44.43 -4.65 -11.41
C GLN B 58 44.72 -4.73 -12.90
N LYS B 59 44.06 -5.65 -13.59
CA LYS B 59 44.22 -5.83 -15.04
C LYS B 59 42.84 -5.90 -15.68
N PRO B 60 42.61 -5.20 -16.81
CA PRO B 60 41.29 -5.27 -17.43
C PRO B 60 41.04 -6.58 -18.13
N ALA B 61 39.91 -6.65 -18.83
CA ALA B 61 39.55 -7.84 -19.60
C ALA B 61 40.25 -7.74 -20.95
N PRO B 62 40.68 -8.89 -21.50
CA PRO B 62 40.35 -10.25 -21.06
C PRO B 62 41.22 -10.85 -19.97
N GLU B 63 42.38 -10.25 -19.69
CA GLU B 63 43.34 -10.87 -18.75
C GLU B 63 42.79 -10.99 -17.33
N ASP B 64 41.99 -10.00 -16.90
CA ASP B 64 41.09 -10.28 -15.75
C ASP B 64 39.65 -10.13 -16.23
N PRO B 65 38.95 -11.28 -16.44
CA PRO B 65 37.59 -11.28 -17.04
C PRO B 65 36.58 -10.48 -16.20
N ALA B 66 36.89 -10.36 -14.89
CA ALA B 66 36.11 -9.60 -13.92
C ALA B 66 35.99 -8.08 -14.18
N TRP B 67 37.00 -7.47 -14.80
CA TRP B 67 37.01 -6.00 -15.00
C TRP B 67 36.80 -5.63 -16.43
N ILE B 68 35.73 -4.91 -16.76
CA ILE B 68 35.57 -4.41 -18.13
C ILE B 68 36.40 -3.13 -18.35
N SER B 69 36.38 -2.23 -17.37
CA SER B 69 37.23 -1.07 -17.41
C SER B 69 37.72 -0.65 -16.03
N LEU B 70 38.96 -0.16 -15.99
CA LEU B 70 39.57 0.44 -14.80
C LEU B 70 39.71 1.94 -14.98
N ILE B 71 39.61 2.69 -13.89
CA ILE B 71 39.82 4.14 -13.97
C ILE B 71 41.30 4.45 -14.21
N PRO B 72 41.55 5.35 -15.16
CA PRO B 72 42.90 5.83 -15.37
C PRO B 72 43.34 6.63 -14.11
N VAL B 73 44.63 6.59 -13.81
CA VAL B 73 45.19 7.35 -12.68
C VAL B 73 44.70 8.81 -12.54
N GLU B 74 44.42 9.49 -13.64
CA GLU B 74 44.00 10.91 -13.48
C GLU B 74 42.58 11.04 -12.99
N ASP B 75 41.80 9.96 -13.14
CA ASP B 75 40.44 10.03 -12.65
C ASP B 75 40.46 9.75 -11.15
N LEU B 76 41.34 8.82 -10.77
CA LEU B 76 41.63 8.58 -9.36
C LEU B 76 41.97 9.88 -8.64
N HIS B 77 43.00 10.59 -9.11
CA HIS B 77 43.32 11.93 -8.59
C HIS B 77 42.13 12.82 -8.58
N HIS B 78 41.32 12.75 -9.63
CA HIS B 78 40.25 13.71 -9.70
C HIS B 78 39.25 13.42 -8.60
N GLN B 79 38.93 12.13 -8.45
CA GLN B 79 38.06 11.64 -7.37
C GLN B 79 38.60 11.98 -5.98
N TRP B 80 39.87 11.70 -5.77
CA TRP B 80 40.54 11.98 -4.50
C TRP B 80 40.48 13.43 -4.10
N ASN B 81 40.78 14.30 -5.06
CA ASN B 81 40.64 15.72 -4.87
C ASN B 81 39.27 16.23 -4.46
N ILE B 82 38.21 15.72 -5.10
CA ILE B 82 36.83 16.12 -4.77
C ILE B 82 36.52 15.73 -3.32
N LEU B 83 36.89 14.50 -2.96
CA LEU B 83 36.89 14.10 -1.55
C LEU B 83 37.53 15.12 -0.61
N GLN B 84 38.75 15.56 -0.93
CA GLN B 84 39.55 16.43 -0.02
C GLN B 84 38.91 17.78 0.08
N SER B 85 38.01 18.07 -0.83
CA SER B 85 37.35 19.36 -0.83
C SER B 85 36.30 19.39 0.29
N LYS B 86 35.96 18.21 0.83
CA LYS B 86 34.81 18.14 1.76
C LYS B 86 35.22 18.44 3.20
N SER B 87 34.34 19.13 3.94
CA SER B 87 34.72 19.62 5.27
C SER B 87 34.16 18.80 6.43
N ASN B 88 33.64 17.63 6.11
CA ASN B 88 33.26 16.68 7.14
C ASN B 88 34.03 15.37 6.91
N LYS B 89 35.06 15.45 6.06
CA LYS B 89 35.58 14.27 5.38
C LYS B 89 35.60 12.99 6.24
N GLU B 90 36.18 13.05 7.43
CA GLU B 90 36.18 11.96 8.42
C GLU B 90 34.78 11.39 8.75
N GLU B 91 33.80 12.24 9.08
CA GLU B 91 32.41 11.78 9.34
C GLU B 91 31.71 11.10 8.17
N LEU B 92 32.40 10.91 7.04
CA LEU B 92 31.81 10.26 5.87
C LEU B 92 31.92 8.75 6.02
N PRO B 93 30.76 8.05 6.01
CA PRO B 93 30.77 6.61 6.36
C PRO B 93 31.57 5.80 5.37
N LEU B 94 31.74 6.28 4.14
CA LEU B 94 32.59 5.51 3.21
C LEU B 94 33.88 6.19 2.74
N TYR B 95 34.39 7.15 3.50
CA TYR B 95 35.56 7.93 3.08
C TYR B 95 36.66 7.08 2.51
N GLY B 96 36.99 7.33 1.26
CA GLY B 96 38.20 6.75 0.70
C GLY B 96 38.18 5.26 0.55
N VAL B 97 36.98 4.69 0.61
CA VAL B 97 36.81 3.26 0.33
C VAL B 97 36.64 3.02 -1.17
N PRO B 98 37.46 2.15 -1.73
CA PRO B 98 37.29 1.77 -3.09
C PRO B 98 36.00 0.93 -3.29
N ILE B 99 35.30 1.12 -4.41
CA ILE B 99 34.17 0.27 -4.75
C ILE B 99 34.18 -0.05 -6.24
N ALA B 100 33.58 -1.16 -6.62
CA ALA B 100 33.35 -1.50 -8.04
C ALA B 100 31.88 -1.40 -8.37
N VAL B 101 31.59 -1.13 -9.63
CA VAL B 101 30.21 -1.09 -10.08
C VAL B 101 29.99 -1.75 -11.40
N LYS B 102 28.97 -2.60 -11.42
CA LYS B 102 28.55 -3.34 -12.58
C LYS B 102 28.45 -2.41 -13.79
N ASP B 103 28.90 -2.93 -14.94
CA ASP B 103 28.97 -2.14 -16.16
C ASP B 103 27.61 -1.98 -16.83
N ASN B 104 26.66 -1.80 -15.95
CA ASN B 104 25.23 -1.69 -16.13
C ASN B 104 24.74 -0.37 -15.58
N ILE B 105 25.61 0.27 -14.78
CA ILE B 105 25.27 1.35 -13.86
C ILE B 105 26.20 2.49 -14.21
N ASP B 106 25.65 3.67 -14.46
CA ASP B 106 26.46 4.84 -14.85
C ASP B 106 27.40 5.38 -13.74
N TYR B 107 28.70 5.44 -14.06
CA TYR B 107 29.68 6.32 -13.37
C TYR B 107 30.23 7.33 -14.40
N LYS B 108 30.10 8.62 -14.12
CA LYS B 108 30.55 9.62 -15.13
C LYS B 108 32.02 9.57 -15.60
N GLY B 109 32.91 8.93 -14.83
CA GLY B 109 34.31 8.75 -15.21
C GLY B 109 34.68 7.53 -16.04
N LEU B 110 33.71 6.74 -16.47
CA LEU B 110 34.02 5.61 -17.32
C LEU B 110 32.83 5.34 -18.22
N PRO B 111 33.01 4.49 -19.25
CA PRO B 111 31.87 4.13 -20.08
C PRO B 111 31.04 2.99 -19.52
N THR B 112 29.75 3.07 -19.82
CA THR B 112 28.77 2.04 -19.57
C THR B 112 28.61 1.21 -20.84
N THR B 113 28.63 -0.09 -20.63
CA THR B 113 28.70 -1.09 -21.68
C THR B 113 27.56 -2.14 -21.66
N ALA B 114 27.10 -2.55 -20.47
CA ALA B 114 26.20 -3.70 -20.32
C ALA B 114 26.79 -4.97 -20.93
N ALA B 115 28.11 -5.03 -20.94
CA ALA B 115 28.88 -6.16 -21.45
C ALA B 115 28.59 -6.41 -22.94
N CYS B 116 28.23 -5.36 -23.66
CA CYS B 116 28.21 -5.45 -25.10
C CYS B 116 29.02 -4.30 -25.70
N PRO B 117 30.15 -4.65 -26.34
CA PRO B 117 31.11 -3.68 -26.88
C PRO B 117 30.44 -2.60 -27.72
N SER B 118 29.42 -2.94 -28.52
CA SER B 118 28.83 -1.92 -29.40
C SER B 118 27.74 -1.08 -28.73
N TYR B 119 27.36 -1.43 -27.52
CA TYR B 119 26.40 -0.62 -26.78
C TYR B 119 27.08 0.60 -26.11
N LEU B 120 28.41 0.54 -26.02
CA LEU B 120 29.21 1.51 -25.29
C LEU B 120 28.67 2.93 -25.41
N TYR B 121 28.46 3.56 -24.28
CA TYR B 121 28.20 4.96 -24.30
C TYR B 121 28.90 5.54 -23.09
N GLN B 122 28.91 6.86 -23.06
CA GLN B 122 29.66 7.57 -22.08
C GLN B 122 28.73 8.58 -21.42
N PRO B 123 28.30 8.26 -20.18
CA PRO B 123 27.32 9.07 -19.47
C PRO B 123 27.86 10.43 -18.99
N THR B 124 26.99 11.43 -18.99
CA THR B 124 27.27 12.78 -18.47
C THR B 124 27.40 12.77 -16.94
N ARG B 125 26.38 12.25 -16.26
CA ARG B 125 26.31 12.28 -14.79
C ARG B 125 26.35 10.89 -14.17
N ASP B 126 26.55 10.80 -12.85
CA ASP B 126 26.49 9.50 -12.17
C ASP B 126 25.03 9.04 -12.12
N SER B 127 24.82 7.72 -12.14
CA SER B 127 23.61 7.15 -11.60
C SER B 127 23.46 7.65 -10.14
N TYR B 128 22.23 7.97 -9.71
CA TYR B 128 22.04 8.49 -8.34
C TYR B 128 22.81 7.62 -7.32
N VAL B 129 22.67 6.33 -7.45
CA VAL B 129 23.22 5.40 -6.51
C VAL B 129 24.76 5.54 -6.39
N VAL B 130 25.45 5.66 -7.53
CA VAL B 130 26.87 5.97 -7.48
C VAL B 130 27.10 7.40 -6.93
N GLU B 131 26.26 8.36 -7.33
CA GLU B 131 26.33 9.70 -6.76
C GLU B 131 26.15 9.70 -5.22
N LEU B 132 25.25 8.87 -4.71
CA LEU B 132 25.11 8.74 -3.25
C LEU B 132 26.36 8.10 -2.66
N LEU B 133 26.84 7.00 -3.25
CA LEU B 133 28.11 6.45 -2.75
C LEU B 133 29.25 7.50 -2.75
N ARG B 134 29.33 8.32 -3.80
CA ARG B 134 30.43 9.29 -3.87
C ARG B 134 30.36 10.40 -2.80
N ASP B 135 29.18 10.99 -2.63
CA ASP B 135 28.83 11.92 -1.58
C ASP B 135 29.15 11.41 -0.17
N ALA B 136 29.11 10.09 0.00
CA ALA B 136 29.40 9.44 1.28
C ALA B 136 30.86 9.02 1.37
N GLY B 137 31.63 9.36 0.32
CA GLY B 137 33.06 9.14 0.32
C GLY B 137 33.70 8.05 -0.50
N ALA B 138 32.90 7.21 -1.17
CA ALA B 138 33.44 6.05 -1.91
C ALA B 138 34.27 6.47 -3.10
N VAL B 139 35.28 5.69 -3.43
CA VAL B 139 35.99 5.93 -4.66
C VAL B 139 35.82 4.74 -5.59
N VAL B 140 35.28 5.04 -6.76
CA VAL B 140 35.05 4.03 -7.82
C VAL B 140 36.34 3.67 -8.57
N ILE B 141 36.69 2.40 -8.51
CA ILE B 141 37.90 1.90 -9.09
C ILE B 141 37.70 1.37 -10.51
N GLY B 142 36.45 1.07 -10.88
CA GLY B 142 36.16 0.50 -12.19
C GLY B 142 34.81 -0.17 -12.38
N LYS B 143 34.46 -0.40 -13.63
CA LYS B 143 33.17 -0.99 -14.03
C LYS B 143 33.35 -2.47 -14.19
N THR B 144 32.47 -3.23 -13.59
CA THR B 144 32.68 -4.67 -13.58
C THR B 144 31.83 -5.51 -14.57
N ASN B 145 32.36 -6.69 -14.90
CA ASN B 145 31.80 -7.52 -15.96
C ASN B 145 30.47 -8.24 -15.61
N LEU B 146 29.57 -8.33 -16.59
CA LEU B 146 28.25 -8.92 -16.43
C LEU B 146 27.87 -9.85 -17.58
N ASP B 147 26.84 -10.68 -17.34
CA ASP B 147 26.15 -11.33 -18.44
C ASP B 147 25.58 -10.25 -19.34
N GLN B 148 25.66 -10.47 -20.66
CA GLN B 148 25.34 -9.39 -21.60
C GLN B 148 23.92 -8.87 -21.43
N PHE B 149 23.80 -7.58 -21.20
CA PHE B 149 22.50 -6.96 -20.95
C PHE B 149 21.84 -7.50 -19.67
N ALA B 150 22.66 -8.13 -18.81
CA ALA B 150 22.23 -8.56 -17.49
C ALA B 150 21.20 -9.68 -17.67
N THR B 151 21.45 -10.53 -18.65
CA THR B 151 20.62 -11.68 -18.99
C THR B 151 21.37 -13.00 -18.67
N GLY B 152 21.02 -13.67 -17.57
CA GLY B 152 21.76 -14.86 -17.13
C GLY B 152 22.07 -14.94 -15.63
N LEU B 153 22.28 -16.16 -15.15
CA LEU B 153 22.57 -16.45 -13.74
C LEU B 153 23.87 -17.22 -13.66
N VAL B 154 24.59 -17.20 -14.77
CA VAL B 154 25.75 -18.07 -14.94
C VAL B 154 27.08 -17.30 -14.93
N GLY B 155 27.09 -16.10 -15.52
CA GLY B 155 28.31 -15.29 -15.61
C GLY B 155 29.09 -15.44 -16.90
N THR B 156 28.64 -16.35 -17.77
CA THR B 156 29.35 -16.76 -19.00
C THR B 156 28.93 -16.05 -20.31
N ARG B 157 27.81 -15.34 -20.30
CA ARG B 157 27.26 -14.72 -21.51
C ARG B 157 27.93 -13.42 -21.91
N SER B 158 29.25 -13.42 -21.86
CA SER B 158 29.97 -12.16 -21.99
C SER B 158 31.08 -12.24 -23.02
N PRO B 159 31.06 -11.32 -24.02
CA PRO B 159 32.16 -11.13 -24.98
C PRO B 159 33.49 -10.93 -24.25
N TYR B 160 33.45 -10.20 -23.13
CA TYR B 160 34.67 -9.75 -22.43
C TYR B 160 35.39 -10.83 -21.64
N GLY B 161 34.65 -11.88 -21.31
CA GLY B 161 35.27 -13.02 -20.65
C GLY B 161 34.36 -13.78 -19.71
N LYS B 162 34.78 -15.01 -19.39
CA LYS B 162 34.01 -15.87 -18.55
C LYS B 162 34.68 -15.88 -17.18
N THR B 163 34.04 -15.19 -16.23
CA THR B 163 34.58 -14.96 -14.88
C THR B 163 34.45 -16.21 -13.99
N PRO B 164 35.57 -16.64 -13.36
CA PRO B 164 35.50 -17.87 -12.59
C PRO B 164 35.08 -17.67 -11.12
N CYS B 165 34.63 -18.74 -10.50
CA CYS B 165 34.37 -18.76 -9.09
C CYS B 165 35.69 -18.49 -8.42
N VAL B 166 35.69 -17.40 -7.69
CA VAL B 166 36.82 -16.95 -6.88
C VAL B 166 37.57 -18.08 -6.11
N PHE B 167 36.97 -19.26 -5.96
CA PHE B 167 37.58 -20.42 -5.28
C PHE B 167 38.21 -21.46 -6.21
N ASN B 168 37.88 -21.42 -7.50
CA ASN B 168 38.33 -22.43 -8.45
C ASN B 168 38.06 -22.04 -9.89
N ASP B 169 39.09 -22.22 -10.73
CA ASP B 169 39.09 -21.82 -12.12
C ASP B 169 38.11 -22.55 -13.04
N LYS B 170 37.83 -23.81 -12.72
CA LYS B 170 36.99 -24.58 -13.61
C LYS B 170 35.50 -24.35 -13.30
N TYR B 171 35.22 -23.52 -12.31
CA TYR B 171 33.85 -23.20 -11.93
C TYR B 171 33.42 -21.77 -12.22
N VAL B 172 32.16 -21.63 -12.57
CA VAL B 172 31.54 -20.41 -13.09
C VAL B 172 31.33 -19.43 -11.93
N SER B 173 31.46 -18.14 -12.18
CA SER B 173 31.37 -17.17 -11.07
C SER B 173 29.96 -16.99 -10.58
N GLY B 174 28.99 -17.19 -11.48
CA GLY B 174 27.58 -16.88 -11.23
C GLY B 174 27.25 -15.54 -11.86
N GLY B 175 26.01 -15.39 -12.29
CA GLY B 175 25.62 -14.17 -12.99
C GLY B 175 24.33 -13.58 -12.48
N SER B 176 23.98 -12.41 -12.95
CA SER B 176 24.74 -11.78 -14.00
C SER B 176 25.79 -10.84 -13.45
N SER B 177 25.64 -10.39 -12.21
CA SER B 177 26.60 -9.51 -11.54
C SER B 177 27.89 -10.25 -11.30
N ALA B 178 28.54 -10.70 -12.37
CA ALA B 178 29.62 -11.67 -12.26
C ALA B 178 30.91 -11.05 -11.78
N GLY B 179 31.28 -9.94 -12.38
CA GLY B 179 32.50 -9.26 -11.96
C GLY B 179 32.39 -8.81 -10.51
N SER B 180 31.30 -8.10 -10.22
CA SER B 180 31.04 -7.56 -8.89
C SER B 180 31.19 -8.60 -7.79
N ALA B 181 30.90 -9.87 -8.12
CA ALA B 181 31.09 -10.88 -7.11
C ALA B 181 32.52 -11.39 -7.08
N SER B 182 33.22 -11.31 -8.22
CA SER B 182 34.61 -11.75 -8.26
C SER B 182 35.51 -10.85 -7.40
N VAL B 183 35.34 -9.54 -7.52
CA VAL B 183 36.32 -8.63 -6.98
C VAL B 183 36.12 -8.53 -5.48
N VAL B 184 34.87 -8.57 -5.06
CA VAL B 184 34.57 -8.56 -3.64
C VAL B 184 34.94 -9.93 -3.04
N GLY B 185 34.79 -11.00 -3.82
CA GLY B 185 35.21 -12.32 -3.35
C GLY B 185 36.71 -12.47 -3.19
N ARG B 186 37.48 -11.73 -4.00
CA ARG B 186 38.94 -11.80 -3.93
C ARG B 186 39.53 -10.72 -2.99
N GLY B 187 38.67 -10.09 -2.20
CA GLY B 187 39.09 -9.05 -1.25
C GLY B 187 39.72 -7.80 -1.88
N ILE B 188 39.37 -7.54 -3.13
CA ILE B 188 39.97 -6.46 -3.89
C ILE B 188 39.36 -5.13 -3.51
N VAL B 189 38.09 -5.17 -3.17
CA VAL B 189 37.35 -3.97 -2.90
C VAL B 189 36.29 -4.46 -1.92
N PRO B 190 36.02 -3.73 -0.82
CA PRO B 190 35.07 -4.27 0.20
C PRO B 190 33.56 -4.28 -0.20
N LEU B 191 33.19 -3.52 -1.24
CA LEU B 191 31.81 -3.35 -1.65
C LEU B 191 31.67 -3.22 -3.15
N SER B 192 30.73 -3.97 -3.73
CA SER B 192 30.41 -3.87 -5.16
C SER B 192 28.92 -3.73 -5.44
N LEU B 193 28.62 -3.08 -6.53
CA LEU B 193 27.26 -2.91 -6.95
C LEU B 193 26.93 -3.95 -8.02
N GLY B 194 25.74 -4.55 -7.90
CA GLY B 194 25.17 -5.42 -8.92
C GLY B 194 23.75 -4.95 -9.22
N THR B 195 22.98 -5.77 -9.95
CA THR B 195 21.53 -5.54 -10.16
C THR B 195 20.85 -6.87 -10.07
N ASP B 196 19.55 -6.85 -9.81
CA ASP B 196 18.86 -8.08 -9.59
C ASP B 196 17.44 -7.91 -10.05
N THR B 197 17.08 -8.72 -11.04
CA THR B 197 15.77 -8.84 -11.59
C THR B 197 15.22 -10.21 -11.17
N ALA B 198 15.93 -11.28 -11.50
CA ALA B 198 15.54 -12.60 -11.09
C ALA B 198 16.74 -13.39 -10.60
N GLY B 199 17.49 -12.82 -9.65
CA GLY B 199 18.60 -13.55 -9.01
C GLY B 199 20.07 -13.12 -9.17
N ALA B 200 20.32 -12.09 -9.96
CA ALA B 200 21.70 -11.70 -10.26
C ALA B 200 22.47 -11.04 -9.10
N GLY B 201 21.76 -10.58 -8.07
CA GLY B 201 22.39 -10.11 -6.86
C GLY B 201 22.56 -11.25 -5.87
N ARG B 202 21.95 -12.41 -6.15
CA ARG B 202 21.91 -13.48 -5.14
C ARG B 202 22.81 -14.69 -5.45
N VAL B 203 22.67 -15.21 -6.67
CA VAL B 203 23.39 -16.42 -7.07
C VAL B 203 24.91 -16.18 -7.05
N PRO B 204 25.36 -14.96 -7.41
CA PRO B 204 26.83 -14.82 -7.33
C PRO B 204 27.39 -14.72 -5.89
N ALA B 205 26.54 -14.36 -4.92
CA ALA B 205 26.94 -14.36 -3.54
C ALA B 205 27.10 -15.77 -2.99
N ALA B 206 26.13 -16.65 -3.28
CA ALA B 206 26.20 -18.03 -2.74
C ALA B 206 27.48 -18.70 -3.22
N LEU B 207 27.86 -18.35 -4.45
CA LEU B 207 28.91 -19.05 -5.15
C LEU B 207 30.26 -18.50 -4.84
N ASN B 208 30.32 -17.34 -4.21
CA ASN B 208 31.61 -16.72 -3.90
C ASN B 208 31.73 -16.39 -2.42
N ASN B 209 30.91 -17.05 -1.61
CA ASN B 209 31.00 -16.89 -0.16
C ASN B 209 30.82 -15.42 0.29
N LEU B 210 29.82 -14.77 -0.28
CA LEU B 210 29.56 -13.38 -0.05
C LEU B 210 28.19 -13.16 0.53
N ILE B 211 27.97 -11.91 0.92
CA ILE B 211 26.68 -11.40 1.32
C ILE B 211 26.09 -10.68 0.12
N GLY B 212 24.94 -11.14 -0.36
CA GLY B 212 24.24 -10.46 -1.43
C GLY B 212 22.98 -9.84 -0.88
N LEU B 213 22.91 -8.51 -0.85
CA LEU B 213 21.72 -7.82 -0.35
C LEU B 213 20.91 -7.40 -1.55
N LYS B 214 19.69 -7.93 -1.68
CA LYS B 214 18.81 -7.48 -2.73
C LYS B 214 17.67 -6.69 -2.06
N PRO B 215 17.71 -5.35 -2.16
CA PRO B 215 16.78 -4.55 -1.35
C PRO B 215 15.39 -4.57 -1.91
N THR B 216 14.41 -4.33 -1.04
CA THR B 216 13.11 -3.88 -1.41
C THR B 216 13.14 -3.06 -2.71
N LYS B 217 12.26 -3.38 -3.65
CA LYS B 217 12.06 -2.65 -4.88
C LYS B 217 11.88 -1.16 -4.62
N GLY B 218 12.61 -0.35 -5.40
CA GLY B 218 12.40 1.08 -5.35
C GLY B 218 13.17 1.80 -4.24
N ALA B 219 13.89 1.04 -3.41
CA ALA B 219 14.53 1.63 -2.23
C ALA B 219 15.73 2.43 -2.70
N PHE B 220 16.60 1.74 -3.44
CA PHE B 220 17.74 2.28 -4.17
C PHE B 220 17.21 2.72 -5.54
N SER B 221 17.50 3.96 -5.94
CA SER B 221 17.11 4.51 -7.24
C SER B 221 17.62 3.72 -8.40
N CYS B 222 16.86 3.70 -9.50
CA CYS B 222 17.40 3.15 -10.75
C CYS B 222 17.78 4.23 -11.77
N ARG B 223 17.78 5.52 -11.39
CA ARG B 223 18.25 6.51 -12.35
C ARG B 223 19.67 6.19 -12.71
N GLY B 224 19.89 6.02 -14.02
CA GLY B 224 21.23 5.90 -14.57
C GLY B 224 21.76 4.50 -14.59
N VAL B 225 20.88 3.51 -14.63
CA VAL B 225 21.32 2.13 -14.77
C VAL B 225 20.56 1.66 -15.99
N VAL B 226 21.18 0.85 -16.84
CA VAL B 226 20.43 0.51 -18.03
C VAL B 226 19.26 -0.45 -17.74
N PRO B 227 18.06 -0.08 -18.22
CA PRO B 227 16.91 -0.94 -17.94
C PRO B 227 17.13 -2.35 -18.49
N ALA B 228 16.53 -3.31 -17.83
CA ALA B 228 16.40 -4.67 -18.35
C ALA B 228 14.90 -4.93 -18.15
N CYS B 229 14.50 -5.56 -17.04
CA CYS B 229 13.07 -5.57 -16.68
C CYS B 229 12.78 -4.43 -15.73
N LYS B 230 12.82 -3.22 -16.29
CA LYS B 230 12.60 -1.99 -15.53
C LYS B 230 11.59 -2.07 -14.37
N SER B 231 10.51 -2.81 -14.52
CA SER B 231 9.44 -2.85 -13.50
C SER B 231 9.79 -3.87 -12.42
N LEU B 232 10.91 -4.56 -12.61
CA LEU B 232 11.42 -5.51 -11.63
C LEU B 232 12.87 -5.21 -11.18
N ASP B 233 13.56 -4.27 -11.81
CA ASP B 233 15.00 -4.09 -11.48
C ASP B 233 15.26 -3.52 -10.07
N CYS B 234 16.21 -4.15 -9.40
CA CYS B 234 16.83 -3.58 -8.18
C CYS B 234 18.29 -3.41 -8.42
N VAL B 235 18.85 -2.32 -7.92
CA VAL B 235 20.30 -2.26 -7.79
C VAL B 235 20.61 -3.13 -6.56
N SER B 236 21.69 -3.91 -6.57
CA SER B 236 22.01 -4.68 -5.38
C SER B 236 23.44 -4.46 -4.90
N VAL B 237 23.79 -5.03 -3.73
CA VAL B 237 25.10 -4.85 -3.12
C VAL B 237 25.69 -6.19 -2.66
N PHE B 238 26.97 -6.41 -2.99
CA PHE B 238 27.77 -7.49 -2.45
C PHE B 238 28.74 -6.97 -1.39
N ALA B 239 29.08 -7.84 -0.44
CA ALA B 239 30.00 -7.46 0.62
C ALA B 239 30.55 -8.70 1.32
N LEU B 240 31.69 -8.53 2.00
CA LEU B 240 32.22 -9.60 2.82
C LEU B 240 31.41 -9.83 4.13
N ASN B 241 30.67 -8.84 4.58
CA ASN B 241 30.08 -8.93 5.91
C ASN B 241 28.81 -8.12 6.08
N LEU B 242 28.08 -8.43 7.14
CA LEU B 242 26.82 -7.75 7.40
C LEU B 242 27.04 -6.28 7.55
N SER B 243 27.98 -5.90 8.39
CA SER B 243 28.22 -4.49 8.74
C SER B 243 28.40 -3.57 7.51
N ASP B 244 29.28 -4.00 6.60
CA ASP B 244 29.49 -3.30 5.35
C ASP B 244 28.24 -3.27 4.45
N ALA B 245 27.39 -4.30 4.51
CA ALA B 245 26.20 -4.35 3.67
C ALA B 245 25.17 -3.31 4.15
N GLU B 246 25.07 -3.18 5.47
CA GLU B 246 24.18 -2.28 6.16
C GLU B 246 24.54 -0.84 5.83
N ILE B 247 25.86 -0.56 5.88
CA ILE B 247 26.41 0.77 5.71
C ILE B 247 26.04 1.18 4.29
N ALA B 248 26.31 0.29 3.34
CA ALA B 248 25.99 0.54 1.92
C ALA B 248 24.48 0.77 1.75
N PHE B 249 23.70 -0.13 2.35
CA PHE B 249 22.24 0.05 2.36
C PHE B 249 21.80 1.44 2.81
N LYS B 250 22.40 1.93 3.90
CA LYS B 250 21.98 3.21 4.53
C LYS B 250 22.28 4.39 3.63
N VAL B 251 23.37 4.25 2.89
CA VAL B 251 23.73 5.29 1.95
C VAL B 251 22.84 5.25 0.70
N MET B 252 22.60 4.06 0.12
CA MET B 252 21.86 4.00 -1.13
C MET B 252 20.34 4.06 -1.03
N ASN B 253 19.79 3.81 0.17
CA ASN B 253 18.36 3.73 0.34
C ASN B 253 17.76 5.13 0.46
N LYS B 254 17.61 5.80 -0.69
CA LYS B 254 17.10 7.18 -0.64
C LYS B 254 16.15 7.36 -1.80
N PRO B 255 15.05 8.12 -1.60
CA PRO B 255 14.04 8.29 -2.64
C PRO B 255 14.56 9.13 -3.82
N ASP B 256 14.02 8.87 -5.01
CA ASP B 256 14.39 9.63 -6.19
C ASP B 256 13.16 9.66 -7.11
N LEU B 257 12.04 10.12 -6.55
CA LEU B 257 10.73 9.99 -7.20
C LEU B 257 10.62 10.67 -8.54
N LEU B 258 11.24 11.84 -8.69
CA LEU B 258 11.06 12.56 -9.95
C LEU B 258 11.95 12.09 -11.11
N GLU B 259 12.84 11.13 -10.88
CA GLU B 259 13.78 10.69 -11.94
C GLU B 259 13.85 9.18 -12.10
N ASP B 260 13.09 8.44 -11.29
CA ASP B 260 12.96 6.99 -11.44
C ASP B 260 11.55 6.69 -11.08
N GLU B 261 10.83 6.19 -12.08
CA GLU B 261 9.40 6.07 -11.95
C GLU B 261 9.03 4.82 -11.15
N TYR B 262 10.03 4.05 -10.74
CA TYR B 262 9.81 2.98 -9.79
C TYR B 262 10.42 3.19 -8.42
N SER B 263 10.94 4.37 -8.15
CA SER B 263 11.55 4.65 -6.87
C SER B 263 10.41 4.84 -5.87
N ARG B 264 10.59 4.36 -4.63
CA ARG B 264 9.63 4.63 -3.57
C ARG B 264 10.22 4.64 -2.18
N GLU B 265 9.87 5.66 -1.43
CA GLU B 265 10.44 5.92 -0.12
C GLU B 265 10.07 4.86 0.88
N PHE B 266 11.07 4.43 1.66
CA PHE B 266 10.81 3.73 2.93
C PHE B 266 9.91 4.52 3.86
N PRO B 267 8.95 3.83 4.53
CA PRO B 267 8.17 4.53 5.50
C PRO B 267 9.01 4.75 6.79
N LYS B 268 8.49 5.55 7.71
CA LYS B 268 9.12 5.74 9.00
C LYS B 268 9.03 4.50 9.87
N ASN B 269 9.97 4.33 10.80
CA ASN B 269 9.95 3.16 11.73
C ASN B 269 10.07 1.80 11.07
N PRO B 270 11.09 1.60 10.25
CA PRO B 270 11.25 0.25 9.68
C PRO B 270 11.63 -0.71 10.80
N ILE B 271 11.12 -1.95 10.74
CA ILE B 271 11.41 -2.94 11.78
C ILE B 271 12.89 -3.20 11.76
N SER B 272 13.51 -3.26 12.91
CA SER B 272 14.91 -3.58 12.93
C SER B 272 15.21 -5.00 13.29
N GLN B 273 14.28 -5.71 13.94
CA GLN B 273 14.49 -7.13 14.33
C GLN B 273 13.20 -7.88 14.37
N TYR B 274 13.26 -9.12 13.90
CA TYR B 274 12.16 -10.05 14.06
C TYR B 274 12.13 -10.56 15.49
N PRO B 275 10.93 -10.94 15.98
CA PRO B 275 10.93 -11.54 17.33
C PRO B 275 11.71 -12.82 17.26
N LYS B 276 12.39 -13.17 18.35
CA LYS B 276 13.14 -14.42 18.46
C LYS B 276 12.36 -15.64 17.92
N ASP B 277 11.03 -15.63 18.02
CA ASP B 277 10.21 -16.81 17.61
C ASP B 277 9.39 -16.55 16.33
N LEU B 278 9.99 -15.80 15.40
CA LEU B 278 9.42 -15.51 14.11
C LEU B 278 9.14 -16.81 13.33
N THR B 279 8.17 -16.74 12.41
CA THR B 279 7.82 -17.87 11.56
C THR B 279 8.68 -17.87 10.30
N ILE B 280 9.31 -19.00 9.99
CA ILE B 280 10.12 -19.05 8.80
C ILE B 280 9.65 -20.21 7.93
N ALA B 281 9.16 -19.89 6.74
CA ALA B 281 8.55 -20.90 5.90
C ALA B 281 9.64 -21.55 5.12
N ILE B 282 9.55 -22.87 4.93
CA ILE B 282 10.43 -23.54 3.98
C ILE B 282 9.58 -24.32 2.98
N PRO B 283 10.15 -24.75 1.86
CA PRO B 283 9.29 -25.45 0.90
C PRO B 283 9.05 -26.94 1.23
N LYS B 284 7.83 -27.41 0.95
CA LYS B 284 7.43 -28.81 1.08
C LYS B 284 8.23 -29.64 0.11
N GLU B 285 8.29 -29.19 -1.13
CA GLU B 285 9.00 -29.90 -2.18
C GLU B 285 10.25 -29.10 -2.61
N VAL B 286 11.42 -29.70 -2.43
CA VAL B 286 12.73 -29.06 -2.67
C VAL B 286 13.56 -29.78 -3.76
N PRO B 287 13.46 -29.35 -5.03
CA PRO B 287 14.24 -30.02 -6.10
C PRO B 287 15.75 -29.68 -6.13
N TRP B 288 16.60 -30.70 -6.23
CA TRP B 288 18.07 -30.55 -6.36
C TRP B 288 18.69 -30.95 -7.68
N PHE B 289 17.89 -31.53 -8.59
CA PHE B 289 18.35 -31.93 -9.95
C PHE B 289 19.63 -32.76 -10.00
N GLY B 290 19.75 -33.77 -9.16
CA GLY B 290 20.98 -34.58 -9.10
C GLY B 290 22.11 -34.02 -8.26
N GLU B 291 21.85 -32.95 -7.51
CA GLU B 291 22.84 -32.44 -6.58
C GLU B 291 22.81 -33.27 -5.28
N THR B 292 23.99 -33.59 -4.76
CA THR B 292 24.08 -34.39 -3.55
C THR B 292 24.71 -33.64 -2.40
N GLU B 293 25.57 -32.68 -2.72
CA GLU B 293 26.33 -31.97 -1.69
C GLU B 293 25.46 -30.89 -1.11
N ASN B 294 24.97 -29.99 -1.98
CA ASN B 294 24.16 -28.82 -1.56
C ASN B 294 23.03 -29.07 -0.52
N PRO B 295 22.25 -30.17 -0.68
CA PRO B 295 21.16 -30.42 0.28
C PRO B 295 21.63 -30.66 1.71
N LYS B 296 22.88 -31.12 1.87
CA LYS B 296 23.47 -31.31 3.21
C LYS B 296 23.63 -29.96 3.92
N LEU B 297 23.97 -28.92 3.13
CA LEU B 297 24.11 -27.54 3.64
C LEU B 297 22.77 -26.89 3.97
N TYR B 298 21.79 -27.13 3.11
CA TYR B 298 20.50 -26.53 3.31
C TYR B 298 19.85 -27.05 4.58
N THR B 299 19.81 -28.37 4.76
CA THR B 299 19.29 -29.00 5.99
C THR B 299 20.02 -28.49 7.23
N LYS B 300 21.33 -28.36 7.16
CA LYS B 300 22.07 -27.81 8.30
C LYS B 300 21.70 -26.34 8.57
N ALA B 301 21.54 -25.55 7.50
CA ALA B 301 21.03 -24.18 7.66
C ALA B 301 19.66 -24.13 8.36
N VAL B 302 18.72 -24.91 7.86
CA VAL B 302 17.41 -25.04 8.51
C VAL B 302 17.55 -25.32 10.01
N ALA B 303 18.39 -26.31 10.36
CA ALA B 303 18.64 -26.68 11.77
C ALA B 303 19.24 -25.57 12.63
N SER B 304 20.22 -24.85 12.09
CA SER B 304 20.76 -23.68 12.80
C SER B 304 19.65 -22.66 13.07
N LEU B 305 18.73 -22.46 12.12
CA LEU B 305 17.64 -21.51 12.36
C LEU B 305 16.64 -21.98 13.44
N LYS B 306 16.36 -23.30 13.47
CA LYS B 306 15.54 -23.89 14.56
C LYS B 306 16.24 -23.56 15.85
N ASN B 307 17.56 -23.70 15.82
CA ASN B 307 18.37 -23.37 16.97
C ASN B 307 18.44 -21.89 17.42
N THR B 308 17.92 -20.97 16.62
CA THR B 308 17.93 -19.56 17.03
C THR B 308 16.67 -19.22 17.78
N GLY B 309 15.74 -20.16 17.83
CA GLY B 309 14.44 -19.92 18.47
C GLY B 309 13.30 -19.77 17.48
N ALA B 310 13.62 -19.75 16.18
CA ALA B 310 12.65 -19.55 15.09
C ALA B 310 11.68 -20.72 15.01
N LYS B 311 10.47 -20.46 14.50
CA LYS B 311 9.48 -21.53 14.24
C LYS B 311 9.42 -21.79 12.73
N ILE B 312 10.01 -22.90 12.31
CA ILE B 312 10.04 -23.29 10.93
C ILE B 312 8.75 -24.05 10.58
N VAL B 313 8.10 -23.59 9.50
CA VAL B 313 6.91 -24.20 8.96
C VAL B 313 7.19 -24.68 7.55
N VAL B 314 6.69 -25.87 7.24
CA VAL B 314 6.84 -26.45 5.92
C VAL B 314 5.65 -26.01 5.08
N VAL B 315 5.91 -25.28 3.99
CA VAL B 315 4.82 -24.61 3.29
C VAL B 315 4.74 -25.10 1.85
N ASP B 316 3.55 -25.15 1.28
CA ASP B 316 3.42 -25.50 -0.14
C ASP B 316 3.82 -24.28 -0.98
N PHE B 317 4.97 -24.34 -1.63
CA PHE B 317 5.42 -23.19 -2.42
C PHE B 317 4.81 -23.09 -3.81
N GLU B 318 3.93 -24.02 -4.16
CA GLU B 318 3.27 -24.04 -5.47
C GLU B 318 2.90 -22.64 -6.03
N PRO B 319 2.14 -21.81 -5.27
CA PRO B 319 1.79 -20.46 -5.73
C PRO B 319 3.00 -19.60 -6.14
N LEU B 320 4.06 -19.62 -5.34
CA LEU B 320 5.30 -18.91 -5.67
C LEU B 320 5.95 -19.43 -6.94
N LEU B 321 5.95 -20.76 -7.10
CA LEU B 321 6.54 -21.41 -8.26
C LEU B 321 5.66 -21.17 -9.49
N GLU B 322 4.41 -20.82 -9.28
CA GLU B 322 3.51 -20.44 -10.37
C GLU B 322 3.85 -19.02 -10.88
N LEU B 323 4.22 -18.16 -9.93
CA LEU B 323 4.64 -16.81 -10.22
C LEU B 323 5.96 -16.82 -10.98
N ALA B 324 6.89 -17.67 -10.58
CA ALA B 324 8.18 -17.74 -11.29
C ALA B 324 7.96 -18.20 -12.72
N ARG B 325 7.17 -19.26 -12.95
CA ARG B 325 6.93 -19.72 -14.33
C ARG B 325 5.95 -18.77 -15.06
N CYS B 326 5.62 -17.65 -14.41
CA CYS B 326 4.91 -16.56 -15.06
C CYS B 326 5.88 -15.71 -15.87
N LEU B 327 7.14 -15.74 -15.48
CA LEU B 327 8.19 -14.88 -16.03
C LEU B 327 8.84 -15.51 -17.27
N TYR B 328 9.00 -16.83 -17.21
CA TYR B 328 9.49 -17.60 -18.33
C TYR B 328 8.43 -17.70 -19.46
N GLU B 329 7.17 -17.89 -19.07
CA GLU B 329 6.08 -18.08 -20.03
C GLU B 329 5.53 -16.76 -20.54
N GLY B 330 5.72 -15.70 -19.76
CA GLY B 330 5.00 -14.45 -20.00
C GLY B 330 5.72 -13.47 -20.90
N ALA B 331 5.23 -12.24 -20.92
CA ALA B 331 5.77 -11.24 -21.80
C ALA B 331 6.72 -10.24 -21.10
N TRP B 332 7.21 -10.58 -19.91
CA TRP B 332 8.19 -9.72 -19.26
C TRP B 332 9.43 -9.56 -20.07
N VAL B 333 9.81 -10.62 -20.78
CA VAL B 333 10.96 -10.52 -21.67
C VAL B 333 10.85 -9.32 -22.61
N ALA B 334 9.63 -8.84 -22.83
CA ALA B 334 9.48 -7.67 -23.65
C ALA B 334 9.98 -6.39 -22.99
N GLU B 335 10.18 -6.40 -21.68
CA GLU B 335 10.80 -5.22 -21.01
C GLU B 335 12.22 -5.13 -21.53
N ARG B 336 12.91 -6.27 -21.61
CA ARG B 336 14.26 -6.32 -22.21
C ARG B 336 14.27 -5.78 -23.64
N TYR B 337 13.28 -6.22 -24.43
CA TYR B 337 13.17 -5.76 -25.80
C TYR B 337 13.00 -4.25 -25.84
N CYS B 338 12.15 -3.75 -24.93
CA CYS B 338 11.82 -2.34 -24.83
C CYS B 338 13.04 -1.46 -24.63
N ALA B 339 13.83 -1.80 -23.61
CA ALA B 339 15.13 -1.20 -23.34
C ALA B 339 16.12 -1.18 -24.53
N THR B 340 15.91 -2.05 -25.51
CA THR B 340 17.01 -2.47 -26.34
C THR B 340 16.72 -2.57 -27.86
N ARG B 341 15.49 -2.27 -28.30
CA ARG B 341 15.11 -2.55 -29.70
C ARG B 341 15.74 -1.59 -30.74
N ASP B 342 15.67 -0.28 -30.45
CA ASP B 342 16.38 0.76 -31.20
C ASP B 342 17.83 0.41 -31.44
N PHE B 343 18.50 -0.08 -30.40
CA PHE B 343 19.88 -0.48 -30.57
C PHE B 343 20.10 -1.63 -31.57
N LEU B 344 19.23 -2.64 -31.52
CA LEU B 344 19.37 -3.80 -32.42
C LEU B 344 18.98 -3.47 -33.86
N ALA B 345 17.98 -2.62 -34.04
CA ALA B 345 17.62 -2.09 -35.37
C ALA B 345 18.85 -1.58 -36.14
N THR B 346 19.68 -0.75 -35.48
CA THR B 346 21.04 -0.39 -35.96
C THR B 346 21.90 -1.64 -36.13
N ASN B 347 21.51 -2.51 -37.06
CA ASN B 347 22.21 -3.78 -37.30
C ASN B 347 23.66 -3.71 -36.86
N PRO B 348 23.97 -4.31 -35.69
CA PRO B 348 25.28 -4.10 -35.09
C PRO B 348 26.17 -5.33 -35.20
N PRO B 349 27.51 -5.12 -35.23
CA PRO B 349 28.51 -6.16 -35.30
C PRO B 349 28.16 -7.45 -34.56
N GLU B 350 28.29 -8.55 -35.27
CA GLU B 350 27.88 -9.87 -34.80
C GLU B 350 28.67 -10.25 -33.57
N SER B 351 29.97 -9.97 -33.62
CA SER B 351 30.94 -10.50 -32.66
C SER B 351 30.77 -9.90 -31.28
N SER B 352 30.25 -8.67 -31.25
CA SER B 352 29.93 -7.94 -30.02
C SER B 352 28.68 -8.44 -29.26
N LEU B 353 27.91 -9.35 -29.87
CA LEU B 353 26.66 -9.85 -29.28
C LEU B 353 26.82 -11.24 -28.67
N ASP B 354 26.09 -11.53 -27.60
CA ASP B 354 25.96 -12.91 -27.18
C ASP B 354 24.65 -13.42 -27.78
N GLU B 355 24.76 -14.40 -28.67
CA GLU B 355 23.65 -14.99 -29.40
C GLU B 355 22.50 -15.56 -28.55
N THR B 356 22.82 -16.27 -27.47
CA THR B 356 21.78 -16.73 -26.54
C THR B 356 20.99 -15.55 -26.00
N VAL B 357 21.71 -14.55 -25.48
CA VAL B 357 21.08 -13.32 -24.99
C VAL B 357 20.14 -12.70 -26.02
N VAL B 358 20.66 -12.38 -27.20
CA VAL B 358 19.84 -11.62 -28.16
C VAL B 358 18.65 -12.48 -28.59
N ASN B 359 18.81 -13.79 -28.50
CA ASN B 359 17.70 -14.67 -28.82
C ASN B 359 16.61 -14.68 -27.79
N ILE B 360 17.04 -14.63 -26.53
CA ILE B 360 16.11 -14.51 -25.42
C ILE B 360 15.32 -13.23 -25.64
N ILE B 361 16.02 -12.14 -25.96
CA ILE B 361 15.35 -10.86 -26.10
C ILE B 361 14.47 -10.82 -27.33
N LYS B 362 15.03 -11.10 -28.52
CA LYS B 362 14.22 -11.06 -29.75
C LYS B 362 12.98 -11.97 -29.67
N GLY B 363 13.01 -12.96 -28.77
CA GLY B 363 11.83 -13.76 -28.44
C GLY B 363 10.59 -12.97 -27.99
N ALA B 364 10.73 -11.66 -27.84
CA ALA B 364 9.64 -10.82 -27.31
C ALA B 364 8.67 -10.30 -28.39
N VAL B 365 9.13 -10.31 -29.64
CA VAL B 365 8.31 -9.84 -30.76
C VAL B 365 7.06 -10.67 -31.00
N LYS B 366 7.00 -11.86 -30.42
CA LYS B 366 5.82 -12.73 -30.47
C LYS B 366 4.63 -12.17 -29.73
N PHE B 367 4.79 -11.05 -29.03
CA PHE B 367 3.81 -10.68 -28.03
C PHE B 367 3.09 -9.35 -28.29
N ASP B 368 1.76 -9.44 -28.44
CA ASP B 368 0.82 -8.33 -28.56
C ASP B 368 0.79 -7.52 -27.25
N ALA B 369 0.41 -6.23 -27.30
CA ALA B 369 0.11 -5.53 -26.04
C ALA B 369 -0.92 -6.32 -25.21
N ALA B 370 -1.90 -6.86 -25.93
CA ALA B 370 -2.99 -7.58 -25.33
C ALA B 370 -2.53 -8.89 -24.71
N ASP B 371 -1.50 -9.51 -25.26
CA ASP B 371 -0.96 -10.67 -24.59
C ASP B 371 -0.32 -10.21 -23.27
N ALA B 372 0.35 -9.06 -23.31
CA ALA B 372 1.07 -8.58 -22.15
C ALA B 372 0.11 -8.36 -21.00
N PHE B 373 -1.05 -7.80 -21.31
CA PHE B 373 -2.07 -7.58 -20.28
C PHE B 373 -2.62 -8.90 -19.72
N LYS B 374 -2.92 -9.84 -20.64
CA LYS B 374 -3.38 -11.17 -20.26
C LYS B 374 -2.42 -11.72 -19.21
N PHE B 375 -1.12 -11.64 -19.49
CA PHE B 375 -0.15 -12.18 -18.55
C PHE B 375 -0.12 -11.41 -17.23
N GLU B 376 -0.33 -10.10 -17.32
CA GLU B 376 -0.44 -9.29 -16.13
C GLU B 376 -1.68 -9.68 -15.30
N TYR B 377 -2.78 -10.08 -15.93
CA TYR B 377 -3.99 -10.45 -15.17
C TYR B 377 -3.73 -11.68 -14.33
N LYS B 378 -3.14 -12.68 -14.96
CA LYS B 378 -2.65 -13.89 -14.35
C LYS B 378 -1.72 -13.59 -13.18
N ARG B 379 -0.75 -12.69 -13.43
CA ARG B 379 0.27 -12.36 -12.42
C ARG B 379 -0.49 -11.85 -11.23
N GLN B 380 -1.52 -11.05 -11.47
CA GLN B 380 -2.24 -10.44 -10.36
C GLN B 380 -3.01 -11.49 -9.57
N GLY B 381 -3.54 -12.50 -10.29
CA GLY B 381 -4.29 -13.60 -9.72
C GLY B 381 -3.41 -14.49 -8.85
N ILE B 382 -2.19 -14.71 -9.32
CA ILE B 382 -1.28 -15.49 -8.52
C ILE B 382 -0.88 -14.69 -7.27
N LEU B 383 -0.71 -13.37 -7.40
CA LEU B 383 -0.39 -12.57 -6.23
C LEU B 383 -1.49 -12.63 -5.16
N GLN B 384 -2.75 -12.74 -5.56
CA GLN B 384 -3.81 -12.78 -4.56
C GLN B 384 -3.60 -14.01 -3.69
N LYS B 385 -3.13 -15.09 -4.30
CA LYS B 385 -2.85 -16.36 -3.62
C LYS B 385 -1.59 -16.27 -2.79
N VAL B 386 -0.57 -15.60 -3.33
CA VAL B 386 0.68 -15.39 -2.64
C VAL B 386 0.47 -14.54 -1.38
N ASN B 387 -0.18 -13.39 -1.52
CA ASN B 387 -0.37 -12.51 -0.42
C ASN B 387 -1.21 -13.08 0.73
N LEU B 388 -2.11 -14.01 0.41
CA LEU B 388 -2.82 -14.77 1.43
C LEU B 388 -1.86 -15.77 2.12
N LEU B 389 -1.15 -16.59 1.35
CA LEU B 389 -0.13 -17.48 1.91
C LEU B 389 0.90 -16.83 2.85
N LEU B 390 1.26 -15.58 2.57
CA LEU B 390 2.35 -14.88 3.23
C LEU B 390 1.95 -14.08 4.45
N LYS B 391 0.66 -13.76 4.60
CA LYS B 391 0.26 -12.92 5.74
C LYS B 391 0.70 -13.62 7.01
N ASP B 392 0.77 -14.95 6.93
CA ASP B 392 0.93 -15.84 8.06
C ASP B 392 2.39 -15.88 8.52
N ILE B 393 3.28 -15.46 7.63
CA ILE B 393 4.69 -15.80 7.71
C ILE B 393 5.55 -14.55 7.83
N ASP B 394 6.69 -14.61 8.52
CA ASP B 394 7.56 -13.45 8.52
C ASP B 394 8.67 -13.51 7.46
N VAL B 395 9.31 -14.67 7.30
CA VAL B 395 10.47 -14.79 6.42
C VAL B 395 10.37 -16.12 5.68
N LEU B 396 10.96 -16.21 4.48
CA LEU B 396 11.08 -17.47 3.74
C LEU B 396 12.55 -17.81 3.77
N CYS B 397 12.85 -19.09 3.88
CA CYS B 397 14.22 -19.57 3.83
C CYS B 397 14.30 -20.57 2.70
N VAL B 398 15.24 -20.33 1.80
CA VAL B 398 15.26 -20.96 0.51
C VAL B 398 16.73 -21.26 0.18
N PRO B 399 17.03 -22.42 -0.44
CA PRO B 399 18.42 -22.56 -0.91
C PRO B 399 18.68 -21.45 -1.92
N THR B 400 19.82 -20.79 -1.84
CA THR B 400 20.08 -19.67 -2.73
C THR B 400 19.98 -20.11 -4.18
N CYS B 401 20.61 -21.24 -4.50
CA CYS B 401 20.60 -21.82 -5.84
C CYS B 401 21.00 -23.30 -5.69
N PRO B 402 20.38 -24.19 -6.49
CA PRO B 402 20.62 -25.63 -6.29
C PRO B 402 22.02 -26.10 -6.63
N LEU B 403 22.69 -25.42 -7.58
CA LEU B 403 23.91 -25.98 -8.20
C LEU B 403 25.13 -25.13 -7.96
N ASN B 404 26.30 -25.77 -8.09
CA ASN B 404 27.58 -25.07 -8.25
C ASN B 404 28.18 -25.36 -9.65
N PRO B 405 27.58 -24.79 -10.69
CA PRO B 405 27.92 -25.25 -12.03
C PRO B 405 29.38 -25.04 -12.40
N LYS B 406 29.97 -26.06 -13.04
CA LYS B 406 31.28 -25.95 -13.68
C LYS B 406 31.15 -25.21 -14.99
N LEU B 407 32.18 -24.46 -15.35
CA LEU B 407 32.26 -23.82 -16.65
C LEU B 407 31.86 -24.71 -17.83
N GLU B 408 32.37 -25.93 -17.88
CA GLU B 408 32.09 -26.80 -19.04
C GLU B 408 30.70 -27.49 -19.01
N GLU B 409 30.13 -27.61 -17.81
CA GLU B 409 28.75 -28.03 -17.63
C GLU B 409 27.81 -27.02 -18.29
N VAL B 410 28.18 -25.73 -18.24
CA VAL B 410 27.38 -24.64 -18.81
C VAL B 410 27.54 -24.62 -20.32
N ALA B 411 28.74 -24.96 -20.79
CA ALA B 411 29.00 -25.02 -22.21
C ALA B 411 28.25 -26.22 -22.85
N GLN B 412 27.91 -27.23 -22.05
CA GLN B 412 27.08 -28.32 -22.54
C GLN B 412 25.63 -27.90 -22.57
N GLU B 413 25.23 -27.15 -21.54
CA GLU B 413 23.84 -26.87 -21.27
C GLU B 413 23.58 -25.38 -21.07
N PRO B 414 23.83 -24.56 -22.09
CA PRO B 414 23.79 -23.09 -21.92
C PRO B 414 22.42 -22.52 -21.58
N VAL B 415 21.43 -23.38 -21.39
CA VAL B 415 20.07 -22.94 -21.08
C VAL B 415 19.53 -23.68 -19.86
N LEU B 416 19.84 -24.97 -19.75
CA LEU B 416 19.34 -25.79 -18.65
C LEU B 416 19.82 -25.29 -17.29
N VAL B 417 21.15 -25.35 -17.10
CA VAL B 417 21.80 -24.86 -15.89
C VAL B 417 21.23 -23.48 -15.48
N ASN B 418 21.25 -22.51 -16.40
CA ASN B 418 20.65 -21.22 -16.15
C ASN B 418 19.32 -21.31 -15.41
N SER B 419 18.41 -22.15 -15.91
CA SER B 419 17.04 -22.09 -15.38
C SER B 419 16.87 -22.87 -14.05
N ARG B 420 17.74 -23.83 -13.82
CA ARG B 420 17.78 -24.54 -12.55
C ARG B 420 18.26 -23.65 -11.43
N GLN B 421 19.29 -22.86 -11.75
CA GLN B 421 19.76 -21.78 -10.90
C GLN B 421 18.67 -20.73 -10.57
N GLY B 422 17.75 -20.54 -11.50
CA GLY B 422 16.56 -19.76 -11.22
C GLY B 422 15.44 -20.29 -10.34
N THR B 423 15.56 -21.52 -9.82
CA THR B 423 14.38 -22.16 -9.16
C THR B 423 13.98 -21.54 -7.84
N TRP B 424 14.88 -20.77 -7.24
CA TRP B 424 14.52 -20.01 -6.04
C TRP B 424 14.55 -18.50 -6.17
N THR B 425 14.99 -17.97 -7.30
CA THR B 425 15.13 -16.53 -7.34
C THR B 425 14.02 -15.86 -8.09
N ASN B 426 13.37 -16.59 -9.00
CA ASN B 426 12.48 -16.01 -9.98
C ASN B 426 11.18 -15.33 -9.52
N PHE B 427 10.71 -15.56 -8.30
CA PHE B 427 9.46 -14.95 -7.80
C PHE B 427 9.58 -13.67 -6.90
N VAL B 428 10.80 -13.32 -6.45
CA VAL B 428 10.96 -12.31 -5.38
C VAL B 428 10.50 -10.89 -5.74
N ASN B 429 10.95 -10.40 -6.89
CA ASN B 429 10.57 -9.09 -7.40
C ASN B 429 9.15 -9.02 -7.94
N LEU B 430 8.67 -10.06 -8.63
CA LEU B 430 7.26 -10.07 -9.09
C LEU B 430 6.29 -9.94 -7.91
N ALA B 431 6.69 -10.45 -6.74
CA ALA B 431 5.88 -10.44 -5.55
C ALA B 431 6.22 -9.26 -4.66
N ASP B 432 7.21 -8.46 -5.06
CA ASP B 432 7.62 -7.28 -4.28
C ASP B 432 8.18 -7.66 -2.89
N LEU B 433 9.18 -8.54 -2.88
CA LEU B 433 9.81 -8.94 -1.62
C LEU B 433 11.24 -8.37 -1.49
N ALA B 434 11.73 -8.31 -0.25
CA ALA B 434 13.16 -8.07 0.00
C ALA B 434 13.91 -9.40 0.17
N ALA B 435 15.21 -9.41 -0.10
CA ALA B 435 15.98 -10.65 0.01
C ALA B 435 17.43 -10.39 0.44
N LEU B 436 18.05 -11.42 1.01
CA LEU B 436 19.43 -11.37 1.50
C LEU B 436 20.07 -12.75 1.30
N ALA B 437 21.01 -12.85 0.37
CA ALA B 437 21.76 -14.07 0.15
C ALA B 437 22.95 -14.09 1.10
N VAL B 438 23.02 -15.15 1.88
CA VAL B 438 23.93 -15.24 2.99
C VAL B 438 24.63 -16.63 3.00
N PRO B 439 25.88 -16.72 3.49
CA PRO B 439 26.60 -18.01 3.37
C PRO B 439 26.17 -19.08 4.41
N SER B 440 26.28 -20.35 4.02
CA SER B 440 25.80 -21.43 4.88
C SER B 440 26.85 -22.50 5.13
N GLY B 441 28.01 -22.36 4.50
CA GLY B 441 29.11 -23.28 4.75
C GLY B 441 29.75 -23.76 3.47
N PHE B 442 30.48 -24.86 3.59
CA PHE B 442 31.26 -25.35 2.47
C PHE B 442 30.89 -26.78 2.22
N ARG B 443 30.81 -27.13 0.95
CA ARG B 443 30.60 -28.51 0.57
C ARG B 443 31.95 -29.22 0.65
N SER B 444 31.90 -30.54 0.89
CA SER B 444 33.10 -31.37 1.08
C SER B 444 34.20 -31.09 0.03
N ASP B 445 33.79 -30.66 -1.15
CA ASP B 445 34.79 -30.38 -2.14
C ASP B 445 35.40 -28.98 -2.04
N GLY B 446 35.14 -28.30 -0.93
CA GLY B 446 35.72 -26.98 -0.72
C GLY B 446 34.91 -25.81 -1.27
N LEU B 447 33.78 -26.04 -1.92
CA LEU B 447 33.00 -24.89 -2.43
C LEU B 447 31.86 -24.35 -1.50
N PRO B 448 31.62 -23.01 -1.53
CA PRO B 448 30.55 -22.48 -0.67
C PRO B 448 29.16 -22.68 -1.28
N ASN B 449 28.14 -22.47 -0.46
CA ASN B 449 26.81 -22.15 -0.96
C ASN B 449 26.06 -21.40 0.13
N GLY B 450 24.74 -21.23 -0.03
CA GLY B 450 23.99 -20.72 1.08
C GLY B 450 22.51 -20.54 0.91
N ILE B 451 22.04 -19.57 1.67
CA ILE B 451 20.70 -19.46 2.13
C ILE B 451 20.33 -18.08 1.66
N THR B 452 19.19 -17.95 1.00
CA THR B 452 18.66 -16.61 0.91
C THR B 452 17.43 -16.45 1.77
N LEU B 453 17.42 -15.38 2.56
CA LEU B 453 16.31 -15.05 3.46
C LEU B 453 15.45 -13.97 2.78
N ILE B 454 14.13 -14.21 2.75
CA ILE B 454 13.24 -13.42 1.96
C ILE B 454 12.22 -12.89 2.90
N GLY B 455 12.00 -11.58 2.90
CA GLY B 455 11.12 -10.91 3.88
C GLY B 455 10.17 -10.02 3.12
N LYS B 456 9.25 -9.39 3.81
CA LYS B 456 8.29 -8.47 3.16
C LYS B 456 8.90 -7.09 2.78
N LYS B 457 8.20 -6.33 1.96
CA LYS B 457 8.75 -5.04 1.61
C LYS B 457 9.18 -4.22 2.87
N PHE B 458 10.32 -3.52 2.81
CA PHE B 458 10.80 -2.67 3.92
C PHE B 458 11.38 -3.44 5.14
N SER B 459 11.83 -4.68 4.93
CA SER B 459 12.23 -5.60 6.01
C SER B 459 13.74 -5.80 6.03
N ASP B 460 14.39 -5.17 5.05
CA ASP B 460 15.84 -5.18 4.91
C ASP B 460 16.62 -5.11 6.21
N TYR B 461 16.30 -4.21 7.13
CA TYR B 461 17.07 -4.13 8.39
C TYR B 461 16.97 -5.40 9.24
N ALA B 462 15.77 -5.99 9.28
CA ALA B 462 15.54 -7.13 10.13
C ALA B 462 16.16 -8.32 9.44
N LEU B 463 16.17 -8.29 8.11
CA LEU B 463 16.79 -9.41 7.41
C LEU B 463 18.29 -9.51 7.77
N LEU B 464 18.97 -8.36 7.78
CA LEU B 464 20.38 -8.30 8.20
C LEU B 464 20.56 -8.80 9.62
N ASP B 465 19.65 -8.45 10.50
CA ASP B 465 19.76 -8.88 11.87
C ASP B 465 19.51 -10.40 12.00
N LEU B 466 18.53 -10.92 11.28
CA LEU B 466 18.32 -12.36 11.20
C LEU B 466 19.55 -13.10 10.70
N ALA B 467 20.18 -12.61 9.64
CA ALA B 467 21.45 -13.22 9.22
C ALA B 467 22.46 -13.30 10.40
N LYS B 468 22.63 -12.20 11.13
CA LYS B 468 23.56 -12.20 12.24
C LYS B 468 23.21 -13.26 13.24
N ARG B 469 21.93 -13.31 13.57
CA ARG B 469 21.42 -14.31 14.48
C ARG B 469 21.75 -15.73 13.96
N PHE B 470 21.49 -15.98 12.68
CA PHE B 470 21.82 -17.23 12.03
C PHE B 470 23.31 -17.57 12.17
N PHE B 471 24.17 -16.65 11.74
CA PHE B 471 25.64 -16.77 11.92
C PHE B 471 26.11 -17.23 13.30
N SER B 472 25.70 -16.54 14.35
CA SER B 472 26.13 -16.91 15.70
C SER B 472 25.73 -18.32 16.15
N VAL B 473 24.86 -19.02 15.40
CA VAL B 473 24.65 -20.47 15.58
C VAL B 473 25.38 -21.26 14.49
N ALA B 474 25.26 -20.84 13.24
CA ALA B 474 25.87 -21.59 12.12
C ALA B 474 27.41 -21.64 12.13
N PHE B 475 28.03 -20.64 12.76
CA PHE B 475 29.46 -20.38 12.69
C PHE B 475 29.88 -19.92 14.06
N PRO B 476 29.70 -20.81 15.06
CA PRO B 476 29.82 -20.48 16.47
C PRO B 476 31.20 -19.93 16.92
N ASN B 477 31.20 -19.17 18.01
CA ASN B 477 32.40 -18.46 18.50
C ASN B 477 33.32 -17.99 17.36
N ASN B 478 32.83 -17.00 16.62
CA ASN B 478 33.58 -16.26 15.60
C ASN B 478 34.38 -17.05 14.59
N SER B 479 33.76 -18.06 14.02
CA SER B 479 34.43 -18.88 13.03
C SER B 479 33.86 -18.67 11.63
N ARG B 480 33.20 -17.54 11.37
CA ARG B 480 32.74 -17.28 10.00
C ARG B 480 33.83 -16.74 9.09
N THR B 481 33.90 -17.42 7.95
CA THR B 481 34.75 -17.09 6.84
C THR B 481 34.12 -16.03 5.91
N TYR B 482 34.88 -15.49 4.98
CA TYR B 482 34.30 -14.54 4.04
C TYR B 482 35.09 -14.52 2.75
N GLY B 483 34.40 -14.41 1.60
CA GLY B 483 35.07 -14.48 0.31
C GLY B 483 35.97 -15.70 0.18
N LYS B 484 37.05 -15.56 -0.60
CA LYS B 484 38.07 -16.63 -0.75
C LYS B 484 38.87 -16.92 0.53
N PHE B 485 38.77 -16.02 1.51
CA PHE B 485 39.58 -16.05 2.74
C PHE B 485 39.14 -17.06 3.77
N VAL B 486 39.36 -18.33 3.39
CA VAL B 486 39.04 -19.54 4.15
C VAL B 486 39.81 -19.66 5.49
N ASP B 487 40.86 -18.86 5.66
CA ASP B 487 41.72 -18.94 6.85
C ASP B 487 41.58 -17.74 7.76
N ARG B 488 40.66 -16.84 7.42
CA ARG B 488 40.39 -15.64 8.25
C ARG B 488 39.00 -15.71 8.93
N ARG B 489 38.81 -14.90 9.97
CA ARG B 489 37.68 -15.05 10.87
C ARG B 489 37.01 -13.71 11.11
N ILE B 490 35.69 -13.71 10.95
CA ILE B 490 34.87 -12.56 11.25
C ILE B 490 34.89 -12.35 12.74
N THR B 491 35.40 -11.23 13.18
CA THR B 491 35.45 -11.00 14.62
C THR B 491 34.30 -10.12 15.11
N VAL B 492 34.15 -8.98 14.46
CA VAL B 492 33.31 -7.90 14.94
C VAL B 492 32.49 -7.30 13.75
N GLU B 493 32.78 -7.77 12.53
CA GLU B 493 32.26 -7.10 11.33
C GLU B 493 30.90 -7.59 10.88
N ASP B 494 30.34 -8.59 11.55
CA ASP B 494 28.95 -8.92 11.30
C ASP B 494 28.04 -8.24 12.35
N GLU B 495 28.53 -7.21 13.00
CA GLU B 495 27.77 -6.53 14.03
C GLU B 495 26.97 -5.42 13.38
N LEU B 496 25.86 -4.98 14.00
CA LEU B 496 24.96 -4.11 13.29
C LEU B 496 24.57 -2.86 14.03
N ASP B 497 24.58 -1.70 13.36
CA ASP B 497 23.99 -0.48 13.94
C ASP B 497 22.46 -0.51 14.07
N GLY B 498 21.80 -1.34 13.27
CA GLY B 498 20.36 -1.25 13.15
C GLY B 498 20.01 0.03 12.43
N PRO B 499 18.72 0.30 12.25
CA PRO B 499 18.40 1.58 11.59
C PRO B 499 18.80 2.76 12.45
N SER B 500 19.20 3.83 11.79
CA SER B 500 19.57 5.05 12.47
C SER B 500 18.33 5.79 13.02
N LYS B 501 18.53 6.73 13.93
CA LYS B 501 17.43 7.27 14.70
C LYS B 501 16.54 8.24 13.88
N ASP B 502 17.10 8.86 12.85
CA ASP B 502 16.27 9.71 11.98
C ASP B 502 15.19 8.96 11.18
N THR B 503 15.22 7.63 11.18
CA THR B 503 14.13 6.83 10.58
C THR B 503 12.88 6.69 11.50
N LEU B 504 12.92 7.32 12.69
CA LEU B 504 11.93 7.04 13.73
C LEU B 504 10.85 8.06 13.76
N ASN B 505 9.63 7.64 14.09
CA ASN B 505 8.54 8.58 14.29
C ASN B 505 7.56 7.99 15.30
N GLY B 506 7.80 8.27 16.59
CA GLY B 506 7.02 7.60 17.63
C GLY B 506 6.79 8.41 18.87
N VAL B 507 6.16 7.78 19.85
CA VAL B 507 5.92 8.42 21.11
C VAL B 507 6.99 7.93 22.04
N LYS B 508 7.75 8.89 22.60
CA LYS B 508 8.74 8.62 23.66
C LYS B 508 8.00 8.12 24.91
N LEU B 509 8.36 6.94 25.37
CA LEU B 509 7.65 6.27 26.48
C LEU B 509 8.64 5.71 27.50
N ALA B 510 8.48 6.12 28.75
CA ALA B 510 9.23 5.54 29.88
C ALA B 510 8.58 4.25 30.47
N VAL B 511 9.40 3.21 30.66
CA VAL B 511 8.97 2.05 31.45
C VAL B 511 9.74 1.92 32.75
N VAL B 512 9.10 1.39 33.77
CA VAL B 512 9.79 1.33 35.05
C VAL B 512 9.80 -0.09 35.63
N GLY B 513 8.87 -0.92 35.14
CA GLY B 513 8.59 -2.19 35.75
C GLY B 513 8.86 -3.39 34.91
N ALA B 514 7.82 -4.19 34.67
CA ALA B 514 7.99 -5.50 34.03
C ALA B 514 8.30 -5.40 32.55
N HIS B 515 8.16 -4.19 31.96
CA HIS B 515 8.60 -3.97 30.58
C HIS B 515 10.05 -3.66 30.44
N LEU B 516 10.81 -3.63 31.54
CA LEU B 516 12.27 -3.35 31.46
C LEU B 516 12.99 -4.43 30.67
N LYS B 517 14.19 -4.11 30.17
CA LYS B 517 15.00 -5.07 29.45
C LYS B 517 15.30 -6.26 30.41
N GLY B 518 14.94 -7.48 29.99
CA GLY B 518 15.23 -8.66 30.78
C GLY B 518 14.06 -9.10 31.67
N LEU B 519 13.05 -8.25 31.79
CA LEU B 519 11.90 -8.60 32.62
C LEU B 519 10.81 -9.30 31.78
N PRO B 520 9.81 -9.96 32.44
CA PRO B 520 8.96 -10.93 31.72
C PRO B 520 7.99 -10.34 30.68
N LEU B 521 7.79 -9.03 30.70
CA LEU B 521 6.84 -8.40 29.81
C LEU B 521 7.52 -7.50 28.80
N HIS B 522 8.84 -7.53 28.74
CA HIS B 522 9.59 -6.76 27.74
C HIS B 522 9.20 -7.11 26.33
N TRP B 523 8.83 -8.37 26.09
CA TRP B 523 8.43 -8.81 24.71
C TRP B 523 7.36 -7.95 24.12
N GLN B 524 6.55 -7.30 24.96
CA GLN B 524 5.49 -6.46 24.45
C GLN B 524 6.05 -5.21 23.73
N LEU B 525 7.25 -4.76 24.07
CA LEU B 525 7.82 -3.60 23.35
C LEU B 525 8.41 -3.98 22.00
N GLN B 526 9.16 -5.07 21.94
CA GLN B 526 9.62 -5.61 20.67
C GLN B 526 8.44 -5.96 19.71
N LYS B 527 7.36 -6.52 20.23
CA LYS B 527 6.27 -6.92 19.36
C LYS B 527 5.53 -5.70 18.77
N CYS B 528 5.68 -4.54 19.41
CA CYS B 528 5.11 -3.30 18.89
C CYS B 528 6.19 -2.47 18.22
N ASN B 529 7.35 -3.08 17.94
CA ASN B 529 8.41 -2.49 17.13
C ASN B 529 9.04 -1.25 17.83
N ALA B 530 9.08 -1.28 19.16
CA ALA B 530 9.62 -0.22 19.96
C ALA B 530 11.12 -0.18 19.82
N THR B 531 11.70 1.02 19.97
CA THR B 531 13.15 1.19 19.88
C THR B 531 13.70 1.83 21.16
N TYR B 532 14.70 1.19 21.74
CA TYR B 532 15.32 1.70 22.93
C TYR B 532 16.02 3.03 22.68
N LEU B 533 15.73 4.00 23.54
CA LEU B 533 16.35 5.32 23.43
C LEU B 533 17.51 5.50 24.41
N SER B 534 17.26 5.40 25.70
CA SER B 534 18.27 5.63 26.73
C SER B 534 17.71 5.20 28.09
N SER B 535 18.46 5.45 29.16
CA SER B 535 18.03 5.06 30.49
C SER B 535 18.08 6.19 31.53
N PRO B 536 17.13 7.13 31.47
CA PRO B 536 17.19 8.31 32.39
C PRO B 536 16.68 7.99 33.82
N LYS B 537 16.74 8.93 34.76
CA LYS B 537 15.97 8.76 36.02
C LYS B 537 14.83 9.78 36.05
N THR B 538 13.84 9.59 36.93
CA THR B 538 12.88 10.67 37.14
C THR B 538 13.55 11.85 37.90
N SER B 539 12.85 13.00 37.98
CA SER B 539 13.16 13.99 39.02
C SER B 539 12.86 13.40 40.42
N ASN B 540 13.53 13.89 41.48
CA ASN B 540 13.06 13.46 42.82
C ASN B 540 11.69 14.02 43.25
N ASN B 541 10.65 13.40 42.71
CA ASN B 541 9.25 13.66 43.01
C ASN B 541 8.50 12.33 43.03
N TYR B 542 9.25 11.21 43.04
CA TYR B 542 8.64 9.90 42.80
C TYR B 542 8.79 8.81 43.85
N LYS B 543 7.73 8.01 43.98
CA LYS B 543 7.74 6.82 44.81
C LYS B 543 7.43 5.64 43.90
N LEU B 544 8.05 4.49 44.21
CA LEU B 544 7.76 3.27 43.49
C LEU B 544 7.19 2.22 44.42
N TYR B 545 6.13 1.56 43.97
CA TYR B 545 5.45 0.59 44.81
C TYR B 545 5.40 -0.77 44.09
N ALA B 546 5.58 -1.85 44.82
CA ALA B 546 5.34 -3.16 44.26
C ALA B 546 3.89 -3.48 44.59
N LEU B 547 3.09 -3.67 43.55
CA LEU B 547 1.64 -3.88 43.75
C LEU B 547 1.42 -5.29 44.21
N PRO B 548 0.25 -5.55 44.84
CA PRO B 548 -0.08 -6.90 45.34
C PRO B 548 0.10 -7.94 44.25
N LYS B 549 0.96 -8.92 44.49
CA LYS B 549 1.21 -9.97 43.55
C LYS B 549 -0.09 -10.78 43.35
N VAL B 550 -0.56 -10.85 42.12
CA VAL B 550 -1.81 -11.54 41.81
C VAL B 550 -1.49 -12.65 40.83
N GLY B 551 -1.22 -12.28 39.57
CA GLY B 551 -0.73 -13.24 38.60
C GLY B 551 0.63 -13.81 38.96
N PRO B 552 1.29 -14.50 38.00
CA PRO B 552 2.68 -14.92 38.20
C PRO B 552 3.67 -13.84 37.79
N VAL B 553 3.21 -12.61 37.54
CA VAL B 553 4.13 -11.55 37.15
C VAL B 553 4.04 -10.39 38.10
N LEU B 554 5.11 -10.09 38.82
CA LEU B 554 5.07 -8.98 39.79
C LEU B 554 5.12 -7.59 39.06
N LYS B 555 4.38 -6.59 39.60
CA LYS B 555 4.27 -5.22 38.99
C LYS B 555 4.37 -3.99 39.91
N PRO B 556 5.17 -2.98 39.49
CA PRO B 556 5.35 -1.72 40.22
C PRO B 556 4.40 -0.61 39.74
N GLY B 557 4.30 0.48 40.49
CA GLY B 557 3.57 1.69 40.06
C GLY B 557 4.25 2.97 40.58
N LEU B 558 4.43 3.96 39.70
CA LEU B 558 4.85 5.33 40.09
C LEU B 558 3.73 6.19 40.70
N ARG B 559 4.10 6.89 41.79
CA ARG B 559 3.31 7.96 42.38
C ARG B 559 4.17 9.19 42.28
N ARG B 560 3.67 10.21 41.60
CA ARG B 560 4.26 11.52 41.80
C ARG B 560 3.65 11.98 43.11
N VAL B 561 4.47 12.65 43.93
CA VAL B 561 3.97 13.38 45.09
C VAL B 561 4.66 14.75 45.19
N ASN B 562 3.91 15.78 45.59
CA ASN B 562 4.49 17.13 45.68
C ASN B 562 5.36 17.34 46.93
N ASP B 563 4.83 16.92 48.09
CA ASP B 563 5.37 17.22 49.44
C ASP B 563 6.88 17.00 49.72
N GLY B 564 7.70 16.98 48.67
CA GLY B 564 9.15 16.85 48.79
C GLY B 564 9.66 15.50 49.30
N THR B 565 8.75 14.55 49.50
CA THR B 565 9.15 13.26 50.11
C THR B 565 9.48 12.18 49.07
N GLY B 566 9.64 12.60 47.82
CA GLY B 566 9.95 11.71 46.69
C GLY B 566 11.44 11.41 46.49
N SER B 567 11.72 10.51 45.57
CA SER B 567 13.09 10.18 45.17
C SER B 567 13.18 9.97 43.62
N GLN B 568 14.34 9.52 43.16
CA GLN B 568 14.66 9.32 41.75
C GLN B 568 14.64 7.84 41.38
N ILE B 569 13.86 7.47 40.37
CA ILE B 569 13.66 6.07 39.99
C ILE B 569 14.14 5.75 38.57
N GLN B 570 14.92 4.66 38.40
CA GLN B 570 15.36 4.19 37.05
C GLN B 570 14.23 3.88 36.06
N LEU B 571 14.41 4.33 34.83
CA LEU B 571 13.50 4.01 33.76
C LEU B 571 14.30 3.62 32.55
N GLU B 572 13.61 2.94 31.62
CA GLU B 572 14.11 2.88 30.26
C GLU B 572 13.09 3.58 29.43
N VAL B 573 13.56 4.35 28.45
CA VAL B 573 12.72 5.12 27.59
C VAL B 573 12.82 4.59 26.17
N TYR B 574 11.66 4.30 25.57
CA TYR B 574 11.60 3.74 24.22
C TYR B 574 10.87 4.66 23.26
N SER B 575 11.18 4.55 21.98
CA SER B 575 10.27 5.09 20.98
C SER B 575 9.30 4.03 20.46
N VAL B 576 8.02 4.28 20.66
CA VAL B 576 6.96 3.38 20.17
C VAL B 576 6.27 4.09 18.99
N PRO B 577 6.28 3.48 17.79
CA PRO B 577 5.69 4.08 16.60
C PRO B 577 4.25 4.50 16.87
N TYR B 578 3.81 5.67 16.35
CA TYR B 578 2.47 6.20 16.68
C TYR B 578 1.48 5.14 16.27
N ASP B 579 1.72 4.68 15.06
CA ASP B 579 1.20 3.50 14.43
C ASP B 579 0.86 2.33 15.35
N ARG B 580 1.80 1.97 16.21
CA ARG B 580 1.65 0.75 16.99
C ARG B 580 1.28 0.93 18.45
N PHE B 581 1.10 2.19 18.90
CA PHE B 581 0.84 2.47 20.30
C PHE B 581 -0.51 1.96 20.80
N GLY B 582 -1.51 2.03 19.93
CA GLY B 582 -2.79 1.41 20.24
C GLY B 582 -2.60 -0.08 20.56
N ASP B 583 -1.74 -0.77 19.82
CA ASP B 583 -1.58 -2.19 20.03
C ASP B 583 -0.94 -2.42 21.39
N PHE B 584 -0.15 -1.45 21.82
CA PHE B 584 0.57 -1.56 23.09
C PHE B 584 -0.35 -1.27 24.26
N ILE B 585 -1.02 -0.12 24.21
CA ILE B 585 -1.85 0.25 25.33
C ILE B 585 -2.92 -0.81 25.57
N ALA B 586 -3.43 -1.43 24.51
CA ALA B 586 -4.39 -2.52 24.57
C ALA B 586 -3.96 -3.66 25.50
N MET B 587 -2.68 -3.73 25.85
CA MET B 587 -2.21 -4.82 26.72
C MET B 587 -1.96 -4.32 28.14
N VAL B 588 -2.22 -3.04 28.37
CA VAL B 588 -2.05 -2.48 29.70
C VAL B 588 -3.36 -2.63 30.53
N PRO B 589 -3.32 -3.47 31.58
CA PRO B 589 -4.57 -3.62 32.32
C PRO B 589 -4.63 -2.68 33.51
N GLU B 590 -5.83 -2.56 34.05
CA GLU B 590 -6.10 -2.05 35.40
C GLU B 590 -5.15 -2.66 36.44
N PRO B 591 -4.55 -1.84 37.34
CA PRO B 591 -4.67 -0.40 37.69
C PRO B 591 -3.61 0.56 37.07
N LEU B 592 -2.73 0.03 36.23
CA LEU B 592 -1.77 0.83 35.47
C LEU B 592 -2.46 1.64 34.36
N GLY B 593 -1.74 2.65 33.90
CA GLY B 593 -2.16 3.47 32.76
C GLY B 593 -0.95 4.08 32.05
N ILE B 594 -1.20 4.77 30.94
CA ILE B 594 -0.15 5.60 30.37
C ILE B 594 -0.45 7.08 30.53
N GLY B 595 0.43 7.73 31.29
CA GLY B 595 0.41 9.18 31.47
C GLY B 595 1.80 9.72 31.19
N SER B 596 2.32 10.53 32.10
CA SER B 596 3.58 11.26 31.85
C SER B 596 4.49 11.28 33.06
N VAL B 597 5.79 11.29 32.78
CA VAL B 597 6.79 11.40 33.82
C VAL B 597 7.75 12.56 33.51
N GLU B 598 8.07 13.34 34.54
CA GLU B 598 9.11 14.35 34.45
C GLU B 598 10.41 13.63 34.71
N LEU B 599 11.40 13.87 33.85
CA LEU B 599 12.71 13.24 33.95
C LEU B 599 13.65 14.14 34.75
N GLU B 600 14.81 13.60 35.13
CA GLU B 600 15.88 14.35 35.78
C GLU B 600 16.14 15.67 35.08
N SER B 601 15.99 15.63 33.76
CA SER B 601 16.28 16.73 32.86
C SER B 601 15.17 17.80 32.86
N GLY B 602 14.10 17.57 33.61
CA GLY B 602 12.94 18.47 33.51
C GLY B 602 12.03 18.15 32.33
N GLU B 603 12.50 17.32 31.39
CA GLU B 603 11.66 16.92 30.26
C GLU B 603 10.51 15.95 30.61
N TRP B 604 9.35 16.13 29.95
CA TRP B 604 8.24 15.18 30.08
C TRP B 604 8.21 14.20 28.94
N VAL B 605 7.54 13.09 29.17
CA VAL B 605 7.74 11.92 28.36
C VAL B 605 6.62 11.01 28.79
N LYS B 606 5.89 10.45 27.83
CA LYS B 606 4.91 9.46 28.16
C LYS B 606 5.50 8.39 29.11
N SER B 607 4.67 7.87 30.01
CA SER B 607 5.12 6.89 31.00
C SER B 607 3.97 6.06 31.49
N PHE B 608 4.29 4.84 31.94
CA PHE B 608 3.42 4.09 32.85
C PHE B 608 3.17 4.91 34.09
N ILE B 609 1.89 5.02 34.43
CA ILE B 609 1.47 5.59 35.70
C ILE B 609 0.53 4.59 36.40
N CYS B 610 -0.13 5.02 37.47
CA CYS B 610 -0.89 4.09 38.32
C CYS B 610 -2.01 4.76 39.09
N GLU B 611 -3.18 4.15 39.05
CA GLU B 611 -4.24 4.60 39.93
C GLU B 611 -3.79 4.60 41.39
N GLU B 612 -4.21 5.65 42.08
CA GLU B 612 -4.36 5.70 43.52
C GLU B 612 -4.68 4.33 44.09
N PHE B 613 -5.87 3.85 43.72
CA PHE B 613 -6.40 2.53 44.09
C PHE B 613 -5.36 1.43 43.92
N GLY B 614 -4.44 1.59 42.97
CA GLY B 614 -3.38 0.61 42.78
C GLY B 614 -2.55 0.42 44.05
N TYR B 615 -1.73 1.42 44.37
CA TYR B 615 -0.78 1.37 45.50
C TYR B 615 -1.42 1.62 46.90
N THR B 616 -2.74 1.49 46.97
CA THR B 616 -3.47 1.64 48.20
C THR B 616 -3.95 0.29 48.67
N GLN B 617 -3.93 -0.71 47.80
CA GLN B 617 -4.40 -2.05 48.13
C GLN B 617 -3.64 -2.73 49.27
N GLN B 618 -4.36 -3.53 50.05
CA GLN B 618 -3.75 -4.44 50.98
C GLN B 618 -2.65 -5.27 50.32
N GLY B 619 -1.40 -5.02 50.73
CA GLY B 619 -0.30 -5.89 50.28
C GLY B 619 0.76 -5.19 49.44
N THR B 620 0.55 -3.88 49.22
CA THR B 620 1.49 -3.02 48.51
C THR B 620 2.76 -2.82 49.33
N VAL B 621 3.92 -2.89 48.68
CA VAL B 621 5.16 -2.56 49.33
C VAL B 621 5.73 -1.25 48.74
N ASP B 622 6.11 -0.32 49.63
CA ASP B 622 6.87 0.84 49.20
C ASP B 622 8.27 0.44 48.89
N ILE B 623 8.64 0.59 47.63
CA ILE B 623 9.88 0.10 47.12
C ILE B 623 10.87 1.20 46.71
N THR B 624 10.54 2.46 47.03
CA THR B 624 11.31 3.65 46.66
C THR B 624 12.80 3.55 46.97
N LYS B 625 13.14 2.95 48.12
CA LYS B 625 14.53 2.81 48.65
C LYS B 625 15.46 2.03 47.73
N PHE B 626 14.89 1.28 46.81
CA PHE B 626 15.70 0.44 45.94
C PHE B 626 16.09 1.24 44.68
N GLY B 627 15.54 2.45 44.57
CA GLY B 627 15.65 3.26 43.36
C GLY B 627 15.34 2.67 41.97
N GLY B 628 14.36 1.75 41.87
CA GLY B 628 14.02 1.13 40.59
C GLY B 628 13.60 -0.31 40.73
N PHE B 629 12.70 -0.77 39.86
CA PHE B 629 12.10 -2.10 39.97
C PHE B 629 13.07 -3.26 39.95
N LYS B 630 14.05 -3.18 39.06
CA LYS B 630 15.00 -4.28 38.91
C LYS B 630 15.75 -4.65 40.23
N PRO B 631 16.52 -3.71 40.87
CA PRO B 631 17.17 -4.04 42.16
C PRO B 631 16.29 -4.88 43.15
N TYR B 632 15.02 -4.50 43.31
CA TYR B 632 14.07 -5.21 44.18
C TYR B 632 13.66 -6.61 43.72
N ILE B 633 13.68 -6.91 42.42
CA ILE B 633 13.40 -8.28 41.96
C ILE B 633 14.56 -9.20 42.30
N GLU B 634 15.78 -8.69 42.16
CA GLU B 634 16.99 -9.47 42.42
C GLU B 634 17.22 -9.65 43.90
N HIS B 635 16.91 -8.62 44.70
CA HIS B 635 16.94 -8.78 46.14
C HIS B 635 15.95 -9.81 46.59
N ILE B 636 14.71 -9.71 46.09
CA ILE B 636 13.68 -10.70 46.38
C ILE B 636 14.03 -12.12 45.87
N GLN B 637 15.31 -12.34 45.56
CA GLN B 637 15.81 -13.65 45.13
C GLN B 637 17.17 -14.00 45.74
#